data_7DVE
#
_entry.id   7DVE
#
_cell.length_a   267.081
_cell.length_b   267.081
_cell.length_c   87.209
_cell.angle_alpha   90.000
_cell.angle_beta   90.000
_cell.angle_gamma   120.000
#
_symmetry.space_group_name_H-M   'H 3 2'
#
loop_
_entity.id
_entity.type
_entity.pdbx_description
1 polymer "6'''-hydroxyparomomycin C oxidase"
2 non-polymer 'FLAVIN-ADENINE DINUCLEOTIDE'
3 non-polymer 'SULFATE ION'
4 water water
#
_entity_poly.entity_id   1
_entity_poly.type   'polypeptide(L)'
_entity_poly.pdbx_seq_one_letter_code
;MSTRVYPAQVDVAIVGSGPAGATYARILSERASSATIAMFEVGPTVSDPPGAHVKNIADADERAHAQRRSEGPHAREDDD
RVGGIVKSAQRRARPGTYLLESGYQADGEDGLPVAAFSSNVGGMAAHWTGACPRPNDSERIGFLDETGELDELLSEGERL
LGVTTDAFDASPYAGIVRERLAAVEDAHRDADERVQRMPLAVHRRDDGPLVWSGSDVVLGDITRGNPNFTLFDESLVTRV
LVEDGRAAGVVVTDVRTGERRDVRARFVVVAADALRTPQLLWASGIRPDALGRYLNDQAQIVFAVRMRDFTPVVDADGVP
QTGLSEYTGVTWVPFTDDMPFHGQVMQLDASPVKLADDDPAAPGSIVGLGLFCAKDLQASDRVAFSDSDVDGYGMPAMQL
HYTLSDRDHATIDRAKAEIVRLGKAIGDPLDDRPFVMPLGASLHYQGTVRMGLADDGASVCSPDSEVWGAPGLFVAGNGV
IPTATACNPTLTGVALAVRGARHIADEITADLASVKLAAALEHHHHHH
;
_entity_poly.pdbx_strand_id   A,B
#
# COMPACT_ATOMS: atom_id res chain seq x y z
N VAL A 5 25.39 18.41 22.75
CA VAL A 5 24.72 18.03 23.99
C VAL A 5 24.00 16.68 23.82
N TYR A 6 24.36 15.92 22.77
CA TYR A 6 23.66 14.68 22.51
C TYR A 6 24.23 13.54 23.35
N PRO A 7 23.43 12.52 23.64
CA PRO A 7 23.92 11.40 24.44
C PRO A 7 24.87 10.51 23.66
N ALA A 8 25.78 9.88 24.39
CA ALA A 8 26.65 8.90 23.75
C ALA A 8 25.87 7.69 23.27
N GLN A 9 24.95 7.20 24.10
CA GLN A 9 24.10 6.09 23.72
C GLN A 9 22.84 6.07 24.59
N VAL A 10 21.73 5.74 23.95
CA VAL A 10 20.44 5.47 24.57
C VAL A 10 19.99 4.08 24.11
N ASP A 11 18.90 3.59 24.70
CA ASP A 11 18.34 2.32 24.28
C ASP A 11 17.50 2.45 23.00
N VAL A 12 16.58 3.41 22.97
CA VAL A 12 15.74 3.63 21.80
C VAL A 12 15.95 5.06 21.30
N ALA A 13 16.23 5.18 20.00
CA ALA A 13 16.29 6.47 19.33
C ALA A 13 15.15 6.56 18.33
N ILE A 14 14.45 7.68 18.34
CA ILE A 14 13.29 7.94 17.51
C ILE A 14 13.61 9.18 16.70
N VAL A 15 13.46 9.09 15.39
CA VAL A 15 13.54 10.26 14.51
C VAL A 15 12.11 10.63 14.10
N GLY A 16 11.74 11.88 14.32
CA GLY A 16 10.38 12.29 14.06
C GLY A 16 9.55 12.50 15.30
N SER A 17 8.81 13.62 15.37
CA SER A 17 8.10 13.95 16.59
C SER A 17 6.61 14.19 16.35
N GLY A 18 6.06 13.70 15.25
CA GLY A 18 4.64 13.67 15.05
C GLY A 18 4.01 12.50 15.78
N PRO A 19 2.72 12.27 15.59
CA PRO A 19 2.01 11.26 16.40
C PRO A 19 2.61 9.86 16.34
N ALA A 20 3.35 9.50 15.28
CA ALA A 20 3.91 8.15 15.20
C ALA A 20 5.13 7.99 16.13
N GLY A 21 6.09 8.90 16.00
CA GLY A 21 7.22 8.89 16.91
C GLY A 21 6.78 9.10 18.35
N ALA A 22 5.81 10.01 18.55
CA ALA A 22 5.26 10.22 19.89
C ALA A 22 4.60 8.95 20.42
N THR A 23 3.94 8.18 19.56
CA THR A 23 3.31 6.96 20.04
C THR A 23 4.36 6.02 20.62
N TYR A 24 5.48 5.85 19.89
CA TYR A 24 6.55 5.02 20.43
C TYR A 24 7.03 5.54 21.77
N ALA A 25 7.24 6.86 21.87
CA ALA A 25 7.72 7.44 23.12
C ALA A 25 6.75 7.17 24.26
N ARG A 26 5.46 7.38 24.03
CA ARG A 26 4.49 7.22 25.12
C ARG A 26 4.34 5.75 25.53
N ILE A 27 4.29 4.84 24.55
CA ILE A 27 4.10 3.45 24.92
C ILE A 27 5.32 2.92 25.64
N LEU A 28 6.52 3.40 25.28
CA LEU A 28 7.67 2.93 26.04
C LEU A 28 7.77 3.62 27.39
N SER A 29 7.28 4.87 27.53
CA SER A 29 7.23 5.46 28.86
C SER A 29 6.24 4.72 29.77
N GLU A 30 5.22 4.10 29.18
CA GLU A 30 4.28 3.28 29.96
C GLU A 30 4.85 1.90 30.26
N ARG A 31 5.11 1.09 29.23
CA ARG A 31 5.51 -0.31 29.46
C ARG A 31 7.01 -0.52 29.69
N ALA A 32 7.85 0.49 29.47
CA ALA A 32 9.30 0.30 29.52
C ALA A 32 9.97 1.50 30.17
N SER A 33 9.47 1.87 31.36
CA SER A 33 9.87 3.10 32.03
C SER A 33 11.35 3.13 32.39
N SER A 34 12.03 1.99 32.31
CA SER A 34 13.43 1.87 32.62
C SER A 34 14.35 2.18 31.43
N ALA A 35 13.79 2.23 30.22
CA ALA A 35 14.56 2.42 29.01
C ALA A 35 14.82 3.90 28.76
N THR A 36 16.04 4.23 28.34
CA THR A 36 16.35 5.59 27.92
C THR A 36 15.93 5.78 26.47
N ILE A 37 15.39 6.97 26.17
CA ILE A 37 14.75 7.25 24.89
C ILE A 37 15.18 8.64 24.44
N ALA A 38 15.73 8.73 23.23
CA ALA A 38 16.06 10.02 22.65
C ALA A 38 15.24 10.23 21.39
N MET A 39 14.63 11.40 21.26
CA MET A 39 13.82 11.74 20.09
C MET A 39 14.48 12.91 19.40
N PHE A 40 14.71 12.78 18.10
CA PHE A 40 15.37 13.79 17.27
C PHE A 40 14.38 14.29 16.22
N GLU A 41 14.21 15.61 16.17
CA GLU A 41 13.29 16.29 15.28
C GLU A 41 14.02 17.46 14.63
N VAL A 42 13.99 17.54 13.29
CA VAL A 42 14.79 18.53 12.58
C VAL A 42 14.18 19.94 12.71
N GLY A 43 12.85 20.04 12.79
CA GLY A 43 12.17 21.32 12.90
C GLY A 43 12.33 21.97 14.27
N PRO A 44 11.96 23.24 14.37
CA PRO A 44 11.96 23.91 15.68
C PRO A 44 10.79 23.46 16.54
N THR A 45 10.84 23.90 17.80
CA THR A 45 9.68 23.90 18.66
C THR A 45 8.91 25.19 18.42
N VAL A 46 7.65 25.09 17.99
CA VAL A 46 6.86 26.28 17.67
C VAL A 46 5.68 26.49 18.61
N SER A 47 5.48 25.62 19.60
CA SER A 47 4.29 25.67 20.43
C SER A 47 4.60 25.10 21.81
N ASP A 48 3.71 25.40 22.77
CA ASP A 48 3.84 25.02 24.18
C ASP A 48 2.58 24.31 24.67
N PRO A 49 2.70 23.10 25.25
CA PRO A 49 3.92 22.26 25.32
C PRO A 49 4.38 21.82 23.94
N PRO A 50 5.65 21.43 23.81
CA PRO A 50 6.15 21.06 22.47
C PRO A 50 5.21 20.12 21.74
N GLY A 51 5.01 20.37 20.45
CA GLY A 51 4.08 19.60 19.65
C GLY A 51 2.64 20.05 19.72
N ALA A 52 2.30 21.02 20.55
CA ALA A 52 0.90 21.44 20.66
C ALA A 52 0.45 22.13 19.37
N HIS A 53 -0.87 22.13 19.13
CA HIS A 53 -1.38 22.71 17.89
C HIS A 53 -1.17 24.23 17.88
N VAL A 54 -0.86 24.78 16.70
CA VAL A 54 -0.67 26.22 16.60
C VAL A 54 -1.93 26.99 17.03
N LYS A 55 -3.12 26.42 16.87
CA LYS A 55 -4.29 27.16 17.33
C LYS A 55 -4.37 27.30 18.86
N ASN A 56 -3.40 26.76 19.60
CA ASN A 56 -3.27 27.12 21.00
C ASN A 56 -2.70 28.51 21.21
N ILE A 57 -2.16 29.13 20.17
CA ILE A 57 -1.48 30.41 20.27
C ILE A 57 -2.48 31.51 19.99
N ALA A 58 -2.68 32.40 20.95
CA ALA A 58 -3.72 33.42 20.88
C ALA A 58 -3.32 34.59 19.99
N ASP A 59 -2.06 35.01 20.06
CA ASP A 59 -1.64 36.17 19.28
C ASP A 59 -1.56 35.79 17.81
N ALA A 60 -2.17 36.59 16.94
CA ALA A 60 -2.20 36.22 15.53
C ALA A 60 -0.81 36.29 14.89
N ASP A 61 0.01 37.28 15.27
CA ASP A 61 1.37 37.38 14.77
C ASP A 61 2.20 36.17 15.17
N GLU A 62 2.15 35.81 16.46
CA GLU A 62 2.91 34.66 16.92
C GLU A 62 2.43 33.37 16.27
N ARG A 63 1.11 33.26 16.04
CA ARG A 63 0.58 32.05 15.41
C ARG A 63 1.04 31.92 13.96
N ALA A 64 0.94 33.01 13.21
CA ALA A 64 1.47 33.01 11.86
C ALA A 64 2.96 32.70 11.85
N HIS A 65 3.68 33.17 12.89
CA HIS A 65 5.12 32.89 12.97
C HIS A 65 5.40 31.41 13.24
N ALA A 66 4.64 30.80 14.15
CA ALA A 66 4.78 29.36 14.37
C ALA A 66 4.59 28.59 13.06
N GLN A 67 3.55 28.97 12.30
CA GLN A 67 3.33 28.34 11.01
C GLN A 67 4.55 28.51 10.10
N ARG A 68 5.02 29.75 9.93
CA ARG A 68 6.10 30.00 8.98
C ARG A 68 7.37 29.26 9.39
N ARG A 69 7.65 29.18 10.70
CA ARG A 69 8.77 28.42 11.22
C ARG A 69 8.63 26.91 10.98
N SER A 70 7.43 26.41 10.71
CA SER A 70 7.28 24.99 10.37
C SER A 70 7.55 24.65 8.89
N GLU A 71 7.89 25.63 8.05
CA GLU A 71 7.80 25.45 6.60
C GLU A 71 9.13 25.11 5.93
N GLY A 72 10.04 24.45 6.63
CA GLY A 72 11.12 23.74 5.98
C GLY A 72 12.44 24.49 5.92
N PRO A 73 13.35 23.98 5.08
CA PRO A 73 14.74 24.45 5.16
C PRO A 73 14.89 25.93 4.86
N HIS A 74 14.06 26.46 3.96
CA HIS A 74 14.07 27.89 3.64
C HIS A 74 12.92 28.55 4.39
N ALA A 75 13.17 28.87 5.67
CA ALA A 75 12.16 29.46 6.53
C ALA A 75 12.77 30.26 7.68
N ARG A 76 13.99 30.75 7.53
CA ARG A 76 14.64 31.50 8.59
C ARG A 76 14.85 32.95 8.17
N SER A 88 5.63 30.97 -6.89
CA SER A 88 4.73 30.16 -7.73
C SER A 88 3.32 30.21 -7.15
N ALA A 89 2.48 31.12 -7.67
CA ALA A 89 1.14 31.33 -7.13
C ALA A 89 0.16 30.26 -7.52
N GLN A 90 0.48 29.42 -8.51
CA GLN A 90 -0.47 28.40 -8.90
C GLN A 90 -0.24 27.06 -8.21
N ARG A 91 0.88 26.86 -7.50
CA ARG A 91 1.20 25.63 -6.76
C ARG A 91 1.56 26.02 -5.32
N ARG A 92 0.57 26.11 -4.43
CA ARG A 92 0.74 26.72 -3.11
C ARG A 92 0.57 25.72 -1.97
N ALA A 93 1.38 25.88 -0.92
CA ALA A 93 1.28 25.08 0.29
C ALA A 93 0.42 25.78 1.34
N ARG A 94 -0.39 25.00 2.06
CA ARG A 94 -1.11 25.50 3.22
C ARG A 94 -0.12 25.99 4.27
N PRO A 95 -0.51 27.02 5.05
CA PRO A 95 0.39 27.49 6.12
C PRO A 95 0.79 26.36 7.06
N GLY A 96 2.04 26.38 7.51
CA GLY A 96 2.58 25.32 8.32
C GLY A 96 3.16 24.15 7.55
N THR A 97 3.08 24.17 6.22
CA THR A 97 3.62 23.09 5.40
C THR A 97 4.42 23.67 4.25
N TYR A 98 5.19 22.83 3.58
CA TYR A 98 5.92 23.23 2.38
C TYR A 98 5.86 22.12 1.35
N LEU A 99 6.09 22.51 0.10
CA LEU A 99 6.00 21.60 -1.04
C LEU A 99 7.40 21.22 -1.49
N LEU A 100 7.47 20.19 -2.32
CA LEU A 100 8.70 19.95 -3.07
C LEU A 100 8.94 21.12 -4.02
N GLU A 101 10.20 21.51 -4.16
CA GLU A 101 10.55 22.54 -5.13
C GLU A 101 10.63 21.99 -6.55
N SER A 102 11.00 20.71 -6.68
CA SER A 102 11.03 20.01 -7.96
C SER A 102 10.93 18.51 -7.67
N GLY A 103 10.89 17.72 -8.73
CA GLY A 103 10.79 16.28 -8.54
C GLY A 103 9.43 15.78 -8.16
N TYR A 104 8.41 16.63 -8.17
CA TYR A 104 7.09 16.18 -7.79
C TYR A 104 6.33 15.51 -8.94
N GLN A 105 6.86 15.57 -10.17
CA GLN A 105 6.16 15.00 -11.31
C GLN A 105 7.18 14.70 -12.40
N ALA A 106 7.06 13.50 -12.98
CA ALA A 106 7.91 13.04 -14.07
C ALA A 106 7.18 13.25 -15.39
N ASP A 107 7.96 13.26 -16.47
CA ASP A 107 7.44 13.41 -17.83
C ASP A 107 6.25 12.49 -18.09
N GLY A 108 5.12 13.08 -18.44
CA GLY A 108 4.00 12.28 -18.89
C GLY A 108 3.19 11.66 -17.78
N GLU A 109 3.48 11.97 -16.52
CA GLU A 109 2.85 11.39 -15.35
C GLU A 109 1.99 12.42 -14.64
N ASP A 110 1.02 11.94 -13.86
CA ASP A 110 0.21 12.84 -13.03
C ASP A 110 1.06 13.50 -11.95
N GLY A 111 2.01 12.76 -11.37
CA GLY A 111 2.76 13.20 -10.21
C GLY A 111 1.87 13.49 -9.00
N LEU A 112 2.50 14.10 -8.00
CA LEU A 112 1.84 14.60 -6.80
C LEU A 112 2.21 16.07 -6.63
N PRO A 113 1.62 16.96 -7.43
CA PRO A 113 2.14 18.35 -7.48
C PRO A 113 2.18 19.04 -6.12
N VAL A 114 1.21 18.80 -5.23
CA VAL A 114 1.22 19.45 -3.92
C VAL A 114 1.50 18.49 -2.76
N ALA A 115 2.29 17.44 -3.00
CA ALA A 115 2.88 16.69 -1.90
C ALA A 115 3.57 17.64 -0.94
N ALA A 116 3.24 17.54 0.35
CA ALA A 116 3.68 18.53 1.33
C ALA A 116 4.29 17.87 2.56
N PHE A 117 4.96 18.70 3.38
CA PHE A 117 5.65 18.30 4.59
C PHE A 117 5.48 19.39 5.64
N SER A 118 5.75 19.02 6.90
CA SER A 118 5.92 19.95 8.01
C SER A 118 7.21 19.61 8.76
N SER A 119 7.95 20.62 9.18
CA SER A 119 9.21 20.41 9.91
C SER A 119 9.13 21.21 11.20
N ASN A 120 8.75 20.53 12.29
CA ASN A 120 8.52 21.19 13.58
C ASN A 120 8.23 20.11 14.63
N VAL A 121 8.36 20.49 15.90
CA VAL A 121 7.97 19.56 16.95
C VAL A 121 6.46 19.41 16.91
N GLY A 122 5.99 18.16 16.85
CA GLY A 122 4.59 17.88 16.60
C GLY A 122 4.29 17.41 15.18
N GLY A 123 5.21 17.60 14.24
CA GLY A 123 5.00 17.29 12.83
C GLY A 123 3.76 17.97 12.30
N MET A 124 3.17 17.35 11.27
CA MET A 124 1.95 17.87 10.66
C MET A 124 0.79 17.95 11.66
N ALA A 125 0.84 17.16 12.75
CA ALA A 125 -0.26 17.25 13.70
C ALA A 125 -0.25 18.56 14.48
N ALA A 126 0.80 19.39 14.36
CA ALA A 126 0.66 20.73 14.92
C ALA A 126 -0.26 21.60 14.07
N HIS A 127 -0.70 21.10 12.92
CA HIS A 127 -1.44 21.90 11.95
C HIS A 127 -2.69 21.22 11.43
N TRP A 128 -2.96 19.98 11.82
CA TRP A 128 -3.98 19.16 11.18
C TRP A 128 -5.37 19.54 11.67
N THR A 129 -6.40 18.88 11.10
CA THR A 129 -7.80 19.09 11.51
C THR A 129 -8.40 17.86 12.17
N GLY A 130 -7.55 16.95 12.68
CA GLY A 130 -7.87 16.04 13.76
C GLY A 130 -8.91 14.96 13.52
N ALA A 131 -9.33 14.68 12.27
CA ALA A 131 -10.36 13.67 12.06
C ALA A 131 -9.77 12.25 12.14
N CYS A 132 -10.40 11.37 12.94
CA CYS A 132 -9.83 10.06 13.27
C CYS A 132 -10.80 8.90 13.08
N PRO A 133 -11.28 8.65 11.87
CA PRO A 133 -12.11 7.46 11.65
C PRO A 133 -11.30 6.18 11.71
N ARG A 134 -12.03 5.06 11.92
CA ARG A 134 -11.48 3.72 11.83
C ARG A 134 -11.61 3.23 10.39
N PRO A 135 -10.66 2.43 9.91
CA PRO A 135 -10.82 1.83 8.58
C PRO A 135 -11.98 0.83 8.58
N ASN A 136 -12.62 0.73 7.43
CA ASN A 136 -13.75 -0.18 7.23
C ASN A 136 -13.51 -1.09 6.03
N ASP A 137 -14.11 -2.28 6.05
CA ASP A 137 -14.12 -3.21 4.89
C ASP A 137 -12.70 -3.38 4.36
N SER A 138 -12.46 -3.25 3.05
CA SER A 138 -11.15 -3.56 2.45
C SER A 138 -10.04 -2.60 2.88
N GLU A 139 -10.32 -1.44 3.47
CA GLU A 139 -9.23 -0.66 4.04
C GLU A 139 -8.55 -1.34 5.23
N ARG A 140 -9.15 -2.37 5.81
CA ARG A 140 -8.66 -2.92 7.07
C ARG A 140 -7.56 -3.93 6.80
N ILE A 141 -6.51 -3.89 7.61
CA ILE A 141 -5.43 -4.85 7.44
C ILE A 141 -5.93 -6.21 7.95
N GLY A 142 -6.07 -7.15 7.04
CA GLY A 142 -6.80 -8.38 7.35
C GLY A 142 -6.07 -9.28 8.32
N PHE A 143 -4.74 -9.43 8.16
CA PHE A 143 -4.04 -10.31 9.08
C PHE A 143 -4.02 -9.75 10.49
N LEU A 144 -4.22 -8.44 10.65
CA LEU A 144 -4.41 -7.88 11.98
C LEU A 144 -5.86 -7.98 12.43
N ASP A 145 -6.82 -7.89 11.50
CA ASP A 145 -8.24 -7.94 11.85
C ASP A 145 -8.68 -9.35 12.27
N GLU A 146 -8.07 -10.39 11.71
CA GLU A 146 -8.53 -11.75 11.99
C GLU A 146 -8.27 -12.15 13.43
N THR A 147 -7.18 -11.67 14.03
CA THR A 147 -6.88 -12.02 15.41
C THR A 147 -7.65 -11.21 16.43
N GLY A 148 -8.40 -10.19 15.99
CA GLY A 148 -8.96 -9.22 16.91
C GLY A 148 -7.99 -8.16 17.37
N GLU A 149 -6.72 -8.25 16.99
CA GLU A 149 -5.77 -7.27 17.50
C GLU A 149 -5.99 -5.90 16.88
N LEU A 150 -6.52 -5.82 15.66
CA LEU A 150 -6.68 -4.52 15.04
C LEU A 150 -7.58 -3.62 15.88
N ASP A 151 -8.71 -4.15 16.36
CA ASP A 151 -9.63 -3.36 17.17
C ASP A 151 -8.99 -2.87 18.48
N GLU A 152 -8.24 -3.75 19.15
CA GLU A 152 -7.53 -3.33 20.36
C GLU A 152 -6.48 -2.26 20.06
N LEU A 153 -5.76 -2.37 18.94
CA LEU A 153 -4.80 -1.32 18.59
C LEU A 153 -5.50 0.00 18.27
N LEU A 154 -6.62 -0.04 17.57
CA LEU A 154 -7.31 1.20 17.26
C LEU A 154 -7.87 1.84 18.54
N SER A 155 -8.39 1.03 19.47
CA SER A 155 -8.79 1.57 20.78
C SER A 155 -7.62 2.24 21.48
N GLU A 156 -6.46 1.59 21.50
CA GLU A 156 -5.29 2.21 22.11
C GLU A 156 -4.90 3.52 21.41
N GLY A 157 -4.99 3.58 20.08
CA GLY A 157 -4.68 4.82 19.39
C GLY A 157 -5.66 5.94 19.70
N GLU A 158 -6.95 5.61 19.80
CA GLU A 158 -7.96 6.58 20.25
C GLU A 158 -7.66 7.07 21.67
N ARG A 159 -7.13 6.19 22.53
CA ARG A 159 -6.70 6.66 23.84
C ARG A 159 -5.49 7.60 23.73
N LEU A 160 -4.54 7.26 22.85
CA LEU A 160 -3.35 8.09 22.75
C LEU A 160 -3.70 9.49 22.24
N LEU A 161 -4.66 9.58 21.34
CA LEU A 161 -5.02 10.84 20.73
C LEU A 161 -6.15 11.57 21.44
N GLY A 162 -6.72 10.97 22.49
CA GLY A 162 -7.85 11.57 23.21
C GLY A 162 -9.00 11.84 22.26
N VAL A 163 -9.36 10.81 21.49
CA VAL A 163 -10.34 10.97 20.41
C VAL A 163 -11.73 10.99 21.00
N THR A 164 -12.56 11.92 20.56
CA THR A 164 -13.93 11.98 21.05
C THR A 164 -14.87 12.34 19.92
N THR A 165 -16.11 11.87 20.04
CA THR A 165 -17.16 12.20 19.07
C THR A 165 -18.09 13.31 19.55
N ASP A 166 -18.02 13.71 20.82
CA ASP A 166 -19.04 14.52 21.48
C ASP A 166 -18.67 15.99 21.61
N ALA A 167 -17.48 16.39 21.16
CA ALA A 167 -16.95 17.72 21.43
C ALA A 167 -17.91 18.84 21.02
N PHE A 168 -18.70 18.61 19.98
CA PHE A 168 -19.63 19.60 19.45
C PHE A 168 -21.09 19.33 19.82
N ASP A 169 -21.37 18.42 20.76
CA ASP A 169 -22.76 18.02 20.99
C ASP A 169 -23.60 19.11 21.66
N ALA A 170 -22.99 20.13 22.28
CA ALA A 170 -23.75 21.19 22.95
C ALA A 170 -24.02 22.40 22.06
N SER A 171 -23.55 22.40 20.82
CA SER A 171 -23.78 23.65 20.09
C SER A 171 -25.19 23.69 19.52
N PRO A 172 -25.73 24.89 19.29
CA PRO A 172 -27.10 25.00 18.77
C PRO A 172 -27.32 24.29 17.43
N TYR A 173 -26.27 24.11 16.63
CA TYR A 173 -26.41 23.43 15.35
C TYR A 173 -26.06 21.95 15.42
N ALA A 174 -25.96 21.39 16.63
CA ALA A 174 -25.64 19.98 16.79
C ALA A 174 -26.69 19.10 16.11
N GLY A 175 -26.23 18.19 15.25
CA GLY A 175 -27.08 17.18 14.69
C GLY A 175 -27.81 17.55 13.41
N ILE A 176 -27.77 18.81 12.98
CA ILE A 176 -28.51 19.21 11.78
C ILE A 176 -27.97 18.49 10.55
N VAL A 177 -26.65 18.48 10.40
CA VAL A 177 -26.03 17.89 9.21
C VAL A 177 -26.25 16.39 9.19
N ARG A 178 -26.01 15.75 10.35
CA ARG A 178 -26.20 14.31 10.50
C ARG A 178 -27.66 13.91 10.21
N GLU A 179 -28.60 14.71 10.70
CA GLU A 179 -30.02 14.46 10.43
C GLU A 179 -30.32 14.50 8.94
N ARG A 180 -29.86 15.56 8.28
CA ARG A 180 -30.17 15.74 6.86
C ARG A 180 -29.52 14.64 6.01
N LEU A 181 -28.32 14.21 6.38
CA LEU A 181 -27.67 13.15 5.62
C LEU A 181 -28.36 11.81 5.85
N ALA A 182 -28.68 11.50 7.12
CA ALA A 182 -29.37 10.26 7.43
C ALA A 182 -30.67 10.17 6.66
N ALA A 183 -31.34 11.29 6.43
CA ALA A 183 -32.59 11.28 5.66
C ALA A 183 -32.43 10.60 4.31
N VAL A 184 -31.30 10.81 3.63
CA VAL A 184 -31.07 10.30 2.29
C VAL A 184 -30.09 9.13 2.29
N GLU A 185 -29.84 8.51 3.43
CA GLU A 185 -28.88 7.41 3.47
C GLU A 185 -29.59 6.07 3.34
N ASP A 186 -28.99 5.15 2.59
CA ASP A 186 -29.66 3.91 2.26
C ASP A 186 -29.94 3.09 3.52
N ALA A 187 -31.15 2.57 3.61
CA ALA A 187 -31.58 1.81 4.79
C ALA A 187 -30.86 0.47 4.87
N HIS A 188 -29.93 0.22 3.94
CA HIS A 188 -29.19 -1.03 3.88
C HIS A 188 -27.87 -0.98 4.66
N ARG A 189 -27.44 0.19 5.11
CA ARG A 189 -26.20 0.30 5.87
C ARG A 189 -26.44 -0.01 7.34
N ASP A 190 -25.45 -0.61 8.00
CA ASP A 190 -25.54 -0.87 9.43
C ASP A 190 -24.71 0.16 10.22
N ALA A 191 -24.57 -0.08 11.53
CA ALA A 191 -24.08 0.94 12.44
C ALA A 191 -22.70 1.45 12.03
N ASP A 192 -21.75 0.53 11.79
CA ASP A 192 -20.40 0.95 11.40
C ASP A 192 -20.38 1.79 10.14
N GLU A 193 -21.49 1.84 9.40
CA GLU A 193 -21.52 2.48 8.10
C GLU A 193 -22.48 3.67 7.99
N ARG A 194 -23.34 3.90 8.97
CA ARG A 194 -24.29 4.98 8.80
C ARG A 194 -23.65 6.32 9.12
N VAL A 195 -24.32 7.39 8.69
CA VAL A 195 -23.87 8.74 8.99
C VAL A 195 -23.81 8.93 10.51
N GLN A 196 -22.73 9.53 10.99
CA GLN A 196 -22.46 9.60 12.42
C GLN A 196 -21.49 10.74 12.68
N ARG A 197 -21.22 11.02 13.96
CA ARG A 197 -20.26 12.06 14.29
C ARG A 197 -18.87 11.62 13.88
N MET A 198 -18.05 12.57 13.44
CA MET A 198 -16.68 12.22 13.18
C MET A 198 -15.96 12.03 14.52
N PRO A 199 -15.22 10.95 14.73
CA PRO A 199 -14.35 10.88 15.91
C PRO A 199 -13.16 11.81 15.70
N LEU A 200 -12.90 12.68 16.68
CA LEU A 200 -11.96 13.79 16.49
C LEU A 200 -10.89 13.80 17.56
N ALA A 201 -9.66 14.09 17.16
CA ALA A 201 -8.54 14.21 18.10
C ALA A 201 -8.55 15.65 18.59
N VAL A 202 -9.34 15.90 19.63
CA VAL A 202 -9.62 17.26 20.08
C VAL A 202 -9.77 17.23 21.60
N HIS A 203 -9.47 18.35 22.24
CA HIS A 203 -9.68 18.48 23.69
C HIS A 203 -10.00 19.93 24.03
N ARG A 204 -10.45 20.13 25.26
CA ARG A 204 -10.71 21.47 25.76
C ARG A 204 -9.51 21.96 26.55
N ARG A 205 -9.14 23.21 26.33
CA ARG A 205 -8.13 23.81 27.17
C ARG A 205 -8.72 24.07 28.54
N ASP A 206 -7.88 23.95 29.58
CA ASP A 206 -8.35 24.22 30.95
C ASP A 206 -9.11 25.54 31.03
N ASP A 207 -8.75 26.52 30.20
CA ASP A 207 -9.45 27.80 30.22
C ASP A 207 -10.70 27.82 29.34
N GLY A 208 -11.03 26.72 28.66
CA GLY A 208 -12.30 26.66 27.97
C GLY A 208 -12.28 26.15 26.54
N PRO A 209 -11.52 26.82 25.67
CA PRO A 209 -11.62 26.54 24.23
C PRO A 209 -11.27 25.12 23.80
N LEU A 210 -12.12 24.59 22.92
CA LEU A 210 -11.84 23.40 22.13
C LEU A 210 -10.68 23.63 21.16
N VAL A 211 -9.81 22.62 20.98
CA VAL A 211 -8.63 22.74 20.12
C VAL A 211 -8.11 21.34 19.74
N TRP A 212 -7.48 21.24 18.57
CA TRP A 212 -6.97 19.96 18.05
C TRP A 212 -5.85 19.42 18.93
N SER A 213 -5.79 18.08 19.02
CA SER A 213 -4.83 17.34 19.83
C SER A 213 -3.75 16.75 18.94
N GLY A 214 -2.50 16.82 19.39
CA GLY A 214 -1.38 16.34 18.60
C GLY A 214 -0.33 15.59 19.38
N SER A 215 0.95 15.76 19.01
CA SER A 215 2.02 15.10 19.75
C SER A 215 2.09 15.55 21.20
N ASP A 216 1.58 16.75 21.53
CA ASP A 216 1.47 17.12 22.93
C ASP A 216 0.63 16.12 23.69
N VAL A 217 -0.48 15.67 23.09
CA VAL A 217 -1.38 14.76 23.79
C VAL A 217 -0.85 13.32 23.73
N VAL A 218 -0.29 12.92 22.60
CA VAL A 218 0.28 11.58 22.47
C VAL A 218 1.46 11.41 23.43
N LEU A 219 2.35 12.40 23.48
CA LEU A 219 3.48 12.35 24.41
C LEU A 219 2.99 12.37 25.85
N GLY A 220 2.01 13.24 26.15
CA GLY A 220 1.36 13.25 27.44
C GLY A 220 2.27 13.63 28.59
N ASP A 221 1.68 13.75 29.78
CA ASP A 221 2.49 14.03 30.94
C ASP A 221 3.38 12.86 31.29
N ILE A 222 3.02 11.63 30.92
CA ILE A 222 3.92 10.53 31.24
C ILE A 222 5.22 10.64 30.44
N THR A 223 5.18 11.10 29.19
CA THR A 223 6.47 11.23 28.51
C THR A 223 7.20 12.50 28.92
N ARG A 224 6.47 13.61 29.04
CA ARG A 224 7.10 14.86 29.49
C ARG A 224 7.73 14.73 30.87
N GLY A 225 7.18 13.89 31.76
CA GLY A 225 7.76 13.67 33.08
C GLY A 225 8.77 12.53 33.20
N ASN A 226 9.07 11.84 32.12
CA ASN A 226 9.93 10.66 32.08
C ASN A 226 11.40 11.08 32.09
N PRO A 227 12.10 10.94 33.21
CA PRO A 227 13.50 11.38 33.25
C PRO A 227 14.41 10.62 32.30
N ASN A 228 13.95 9.48 31.76
CA ASN A 228 14.69 8.69 30.77
C ASN A 228 14.39 9.10 29.34
N PHE A 229 13.56 10.12 29.12
CA PHE A 229 13.20 10.60 27.78
C PHE A 229 13.79 11.98 27.54
N THR A 230 14.21 12.23 26.29
CA THR A 230 14.73 13.54 25.91
C THR A 230 14.32 13.86 24.49
N LEU A 231 14.02 15.13 24.23
CA LEU A 231 13.58 15.60 22.93
C LEU A 231 14.55 16.68 22.45
N PHE A 232 15.25 16.39 21.36
CA PHE A 232 16.16 17.32 20.70
C PHE A 232 15.45 17.83 19.45
N ASP A 233 14.95 19.07 19.50
CA ASP A 233 14.49 19.73 18.29
C ASP A 233 15.70 20.22 17.48
N GLU A 234 15.43 20.72 16.28
CA GLU A 234 16.47 21.22 15.40
C GLU A 234 17.65 20.24 15.35
N SER A 235 17.31 18.96 15.14
CA SER A 235 18.29 17.88 15.13
C SER A 235 17.99 17.00 13.93
N LEU A 236 18.83 17.09 12.90
CA LEU A 236 18.62 16.33 11.68
C LEU A 236 19.32 14.98 11.75
N VAL A 237 18.57 13.92 11.52
CA VAL A 237 19.15 12.58 11.40
C VAL A 237 19.50 12.37 9.94
N THR A 238 20.80 12.20 9.65
CA THR A 238 21.27 11.99 8.29
C THR A 238 21.50 10.52 7.96
N ARG A 239 21.60 9.65 8.96
CA ARG A 239 21.95 8.26 8.71
C ARG A 239 21.49 7.39 9.88
N VAL A 240 20.96 6.21 9.54
CA VAL A 240 20.81 5.13 10.50
C VAL A 240 22.09 4.31 10.51
N LEU A 241 22.78 4.29 11.65
CA LEU A 241 23.99 3.50 11.79
C LEU A 241 23.62 2.04 11.91
N VAL A 242 24.09 1.24 10.96
CA VAL A 242 23.93 -0.21 10.97
C VAL A 242 25.29 -0.85 11.26
N GLU A 243 25.29 -1.90 12.08
CA GLU A 243 26.52 -2.55 12.51
C GLU A 243 26.22 -4.00 12.87
N ASP A 244 27.05 -4.91 12.38
CA ASP A 244 26.89 -6.36 12.62
C ASP A 244 25.46 -6.81 12.35
N GLY A 245 24.91 -6.36 11.22
CA GLY A 245 23.60 -6.78 10.78
C GLY A 245 22.45 -5.96 11.35
N ARG A 246 22.63 -5.44 12.56
CA ARG A 246 21.55 -4.81 13.29
C ARG A 246 21.54 -3.29 13.12
N ALA A 247 20.42 -2.68 13.46
CA ALA A 247 20.42 -1.24 13.71
C ALA A 247 21.36 -0.94 14.86
N ALA A 248 22.14 0.13 14.71
CA ALA A 248 23.16 0.45 15.71
C ALA A 248 23.08 1.86 16.25
N GLY A 249 22.44 2.80 15.55
CA GLY A 249 22.31 4.13 16.10
C GLY A 249 21.84 5.09 15.03
N VAL A 250 22.11 6.37 15.26
CA VAL A 250 21.77 7.42 14.31
C VAL A 250 22.89 8.44 14.29
N VAL A 251 23.05 9.11 13.15
CA VAL A 251 23.93 10.27 13.01
C VAL A 251 23.06 11.52 13.07
N VAL A 252 23.37 12.40 14.01
CA VAL A 252 22.56 13.58 14.30
C VAL A 252 23.39 14.82 14.06
N THR A 253 22.86 15.73 13.25
CA THR A 253 23.44 17.04 13.06
C THR A 253 22.63 18.06 13.84
N ASP A 254 23.31 18.88 14.64
CA ASP A 254 22.65 19.98 15.30
C ASP A 254 22.49 21.09 14.27
N VAL A 255 21.23 21.39 13.92
CA VAL A 255 20.93 22.30 12.81
C VAL A 255 21.48 23.69 13.11
N ARG A 256 21.62 24.05 14.38
CA ARG A 256 22.07 25.40 14.72
C ARG A 256 23.58 25.55 14.56
N THR A 257 24.37 24.59 15.02
CA THR A 257 25.82 24.66 14.94
C THR A 257 26.42 23.83 13.81
N GLY A 258 25.70 22.84 13.30
CA GLY A 258 26.19 22.05 12.19
C GLY A 258 27.04 20.86 12.56
N GLU A 259 27.36 20.67 13.84
CA GLU A 259 28.20 19.55 14.24
C GLU A 259 27.40 18.24 14.17
N ARG A 260 28.05 17.20 13.68
CA ARG A 260 27.48 15.86 13.68
C ARG A 260 27.99 15.08 14.87
N ARG A 261 27.17 14.15 15.33
CA ARG A 261 27.57 13.25 16.41
C ARG A 261 26.80 11.95 16.22
N ASP A 262 27.44 10.85 16.56
CA ASP A 262 26.78 9.54 16.55
C ASP A 262 26.09 9.32 17.89
N VAL A 263 24.87 8.80 17.85
CA VAL A 263 24.16 8.31 19.02
C VAL A 263 23.95 6.82 18.82
N ARG A 264 24.56 6.01 19.69
CA ARG A 264 24.35 4.57 19.65
C ARG A 264 22.98 4.20 20.21
N ALA A 265 22.43 3.10 19.70
CA ALA A 265 21.09 2.67 20.10
C ALA A 265 20.85 1.25 19.64
N ARG A 266 20.27 0.42 20.53
CA ARG A 266 19.84 -0.92 20.15
C ARG A 266 18.54 -0.91 19.36
N PHE A 267 17.77 0.17 19.42
CA PHE A 267 16.53 0.30 18.67
C PHE A 267 16.51 1.65 17.99
N VAL A 268 16.10 1.66 16.72
CA VAL A 268 15.93 2.89 15.96
C VAL A 268 14.55 2.86 15.33
N VAL A 269 13.74 3.87 15.63
CA VAL A 269 12.40 4.00 15.09
C VAL A 269 12.43 5.23 14.21
N VAL A 270 12.13 5.05 12.92
CA VAL A 270 12.08 6.17 11.99
C VAL A 270 10.60 6.46 11.73
N ALA A 271 10.14 7.62 12.19
CA ALA A 271 8.79 8.08 11.99
C ALA A 271 8.89 9.48 11.38
N ALA A 272 9.42 9.53 10.17
CA ALA A 272 9.78 10.80 9.55
C ALA A 272 8.80 11.22 8.46
N ASP A 273 7.58 10.66 8.46
CA ASP A 273 6.51 10.79 7.48
C ASP A 273 6.80 9.84 6.32
N ALA A 274 5.81 9.64 5.44
CA ALA A 274 5.88 8.59 4.42
C ALA A 274 6.91 8.83 3.33
N LEU A 275 7.49 10.04 3.22
CA LEU A 275 8.50 10.23 2.18
C LEU A 275 9.88 10.47 2.73
N ARG A 276 10.00 11.10 3.90
CA ARG A 276 11.32 11.32 4.47
C ARG A 276 11.86 10.09 5.21
N THR A 277 10.97 9.18 5.63
CA THR A 277 11.40 7.90 6.20
C THR A 277 12.09 7.03 5.15
N PRO A 278 11.48 6.76 3.98
CA PRO A 278 12.28 6.10 2.91
C PRO A 278 13.52 6.89 2.53
N GLN A 279 13.46 8.22 2.54
CA GLN A 279 14.65 9.04 2.28
C GLN A 279 15.80 8.66 3.21
N LEU A 280 15.54 8.66 4.53
CA LEU A 280 16.58 8.36 5.50
C LEU A 280 17.09 6.94 5.33
N LEU A 281 16.19 5.98 5.07
CA LEU A 281 16.64 4.59 4.90
C LEU A 281 17.51 4.46 3.65
N TRP A 282 17.12 5.12 2.54
CA TRP A 282 17.95 5.10 1.33
C TRP A 282 19.32 5.71 1.59
N ALA A 283 19.35 6.89 2.22
CA ALA A 283 20.62 7.51 2.57
C ALA A 283 21.49 6.61 3.45
N SER A 284 20.88 5.74 4.26
CA SER A 284 21.65 4.87 5.14
C SER A 284 22.01 3.53 4.50
N GLY A 285 21.70 3.34 3.22
CA GLY A 285 22.00 2.09 2.56
C GLY A 285 21.08 0.94 2.91
N ILE A 286 19.93 1.21 3.51
CA ILE A 286 18.93 0.19 3.83
C ILE A 286 17.85 0.30 2.76
N ARG A 287 17.90 -0.58 1.76
CA ARG A 287 17.15 -0.40 0.51
C ARG A 287 16.46 -1.69 0.09
N PRO A 288 15.48 -2.17 0.87
CA PRO A 288 14.67 -3.28 0.38
C PRO A 288 13.85 -2.85 -0.83
N ASP A 289 13.60 -3.81 -1.72
CA ASP A 289 12.95 -3.51 -2.99
C ASP A 289 11.68 -2.69 -2.85
N ALA A 290 10.90 -2.91 -1.78
CA ALA A 290 9.63 -2.20 -1.62
C ALA A 290 9.82 -0.77 -1.16
N LEU A 291 11.03 -0.38 -0.76
CA LEU A 291 11.24 0.94 -0.15
C LEU A 291 10.80 2.05 -1.10
N GLY A 292 9.94 2.93 -0.61
CA GLY A 292 9.41 4.02 -1.42
C GLY A 292 8.33 3.62 -2.40
N ARG A 293 8.20 2.34 -2.74
CA ARG A 293 7.23 1.88 -3.71
C ARG A 293 5.84 1.71 -3.07
N TYR A 294 4.82 1.56 -3.94
CA TYR A 294 3.42 1.36 -3.55
C TYR A 294 2.85 2.61 -2.89
N LEU A 295 3.52 3.74 -3.13
CA LEU A 295 3.11 5.05 -2.64
C LEU A 295 1.69 5.39 -3.09
N ASN A 296 0.85 5.84 -2.16
CA ASN A 296 -0.49 6.23 -2.56
C ASN A 296 -0.99 7.44 -1.79
N ASP A 297 -1.53 8.39 -2.55
CA ASP A 297 -2.26 9.55 -2.06
C ASP A 297 -3.75 9.28 -2.24
N GLN A 298 -4.58 10.03 -1.50
CA GLN A 298 -6.04 9.89 -1.59
C GLN A 298 -6.60 11.09 -2.35
N ALA A 299 -6.97 10.87 -3.62
CA ALA A 299 -7.58 11.94 -4.41
C ALA A 299 -8.74 12.55 -3.65
N GLN A 300 -8.79 13.88 -3.59
CA GLN A 300 -9.70 14.62 -2.72
C GLN A 300 -10.62 15.50 -3.56
N ILE A 301 -11.92 15.39 -3.32
CA ILE A 301 -12.95 16.15 -4.01
C ILE A 301 -13.65 16.99 -2.95
N VAL A 302 -13.81 18.28 -3.21
CA VAL A 302 -14.34 19.21 -2.22
C VAL A 302 -15.54 19.94 -2.79
N PHE A 303 -16.36 20.44 -1.90
CA PHE A 303 -17.63 21.05 -2.26
C PHE A 303 -18.03 21.94 -1.09
N ALA A 304 -18.81 22.97 -1.34
CA ALA A 304 -19.24 23.85 -0.27
C ALA A 304 -20.72 24.13 -0.45
N VAL A 305 -21.48 24.14 0.66
CA VAL A 305 -22.92 24.40 0.57
C VAL A 305 -23.37 25.34 1.68
N ARG A 306 -24.40 26.13 1.37
CA ARG A 306 -25.08 26.96 2.34
C ARG A 306 -26.27 26.18 2.91
N MET A 307 -26.22 25.90 4.20
CA MET A 307 -27.30 25.16 4.84
C MET A 307 -28.62 25.94 4.80
N ARG A 308 -29.69 25.26 4.43
CA ARG A 308 -31.02 25.84 4.40
C ARG A 308 -31.73 25.65 5.75
N ASP A 309 -32.84 26.38 5.94
CA ASP A 309 -33.69 26.29 7.13
C ASP A 309 -32.87 26.31 8.40
N PHE A 310 -32.24 27.45 8.60
CA PHE A 310 -31.14 27.62 9.54
C PHE A 310 -31.65 28.59 10.59
N THR A 311 -32.09 28.07 11.73
CA THR A 311 -32.55 28.95 12.81
C THR A 311 -31.35 29.72 13.32
N PRO A 312 -31.33 31.04 13.20
CA PRO A 312 -30.17 31.80 13.69
C PRO A 312 -30.12 31.82 15.21
N VAL A 313 -28.90 31.98 15.72
CA VAL A 313 -28.66 32.05 17.16
C VAL A 313 -28.69 33.51 17.60
N VAL A 314 -29.46 33.80 18.65
CA VAL A 314 -29.73 35.19 19.02
C VAL A 314 -28.48 35.86 19.58
N ASP A 315 -27.69 35.13 20.37
CA ASP A 315 -26.49 35.69 21.00
C ASP A 315 -25.30 34.76 20.70
N ALA A 316 -24.80 34.81 19.48
CA ALA A 316 -23.59 34.07 19.15
C ALA A 316 -22.41 34.62 19.94
N ASP A 317 -21.36 33.79 20.05
CA ASP A 317 -20.23 34.12 20.92
C ASP A 317 -19.20 34.99 20.25
N GLY A 318 -19.08 34.92 18.93
CA GLY A 318 -17.96 35.53 18.25
C GLY A 318 -16.75 34.64 18.38
N VAL A 319 -16.15 34.29 17.24
CA VAL A 319 -15.04 33.34 17.13
C VAL A 319 -14.05 33.52 18.26
N PRO A 320 -13.60 32.44 18.90
CA PRO A 320 -12.67 32.57 20.02
C PRO A 320 -11.25 32.82 19.53
N GLN A 321 -10.46 33.44 20.41
CA GLN A 321 -9.11 33.84 20.04
C GLN A 321 -8.12 32.68 20.06
N THR A 322 -8.42 31.60 20.78
CA THR A 322 -7.75 30.32 20.59
C THR A 322 -8.80 29.24 20.31
N GLY A 323 -8.34 28.17 19.70
CA GLY A 323 -9.23 27.06 19.46
C GLY A 323 -10.26 27.29 18.37
N LEU A 324 -11.34 26.53 18.47
CA LEU A 324 -12.31 26.42 17.41
C LEU A 324 -13.64 27.03 17.82
N SER A 325 -14.42 27.39 16.81
CA SER A 325 -15.79 27.74 17.03
C SER A 325 -16.62 26.46 17.14
N GLU A 326 -17.88 26.62 17.55
CA GLU A 326 -18.76 25.49 17.79
C GLU A 326 -20.00 25.75 16.97
N TYR A 327 -19.95 25.36 15.70
CA TYR A 327 -21.11 25.47 14.82
C TYR A 327 -21.63 24.07 14.55
N THR A 328 -21.50 23.56 13.32
CA THR A 328 -22.07 22.27 12.98
C THR A 328 -21.15 21.10 13.29
N GLY A 329 -19.88 21.33 13.60
CA GLY A 329 -19.00 20.23 13.90
C GLY A 329 -18.47 19.54 12.65
N VAL A 330 -18.21 18.23 12.79
CA VAL A 330 -17.70 17.38 11.73
C VAL A 330 -18.53 16.10 11.74
N THR A 331 -19.12 15.77 10.60
CA THR A 331 -19.84 14.52 10.37
C THR A 331 -19.04 13.62 9.43
N TRP A 332 -19.19 12.32 9.67
CA TRP A 332 -18.46 11.25 9.02
C TRP A 332 -19.44 10.44 8.17
N VAL A 333 -19.13 10.30 6.88
CA VAL A 333 -19.88 9.45 5.97
C VAL A 333 -18.97 8.28 5.62
N PRO A 334 -19.15 7.12 6.26
CA PRO A 334 -18.11 6.09 6.21
C PRO A 334 -17.96 5.41 4.86
N PHE A 335 -16.71 5.06 4.58
CA PHE A 335 -16.32 4.16 3.52
C PHE A 335 -17.00 2.79 3.65
N THR A 336 -17.50 2.26 2.52
CA THR A 336 -17.87 0.85 2.38
C THR A 336 -17.37 0.33 1.04
N ASP A 337 -17.10 -0.97 0.97
CA ASP A 337 -16.63 -1.58 -0.27
C ASP A 337 -17.54 -1.21 -1.44
N ASP A 338 -18.85 -1.17 -1.20
CA ASP A 338 -19.83 -0.82 -2.21
C ASP A 338 -19.83 0.67 -2.56
N MET A 339 -19.44 1.54 -1.62
CA MET A 339 -19.43 3.00 -1.80
C MET A 339 -18.08 3.54 -1.36
N PRO A 340 -17.03 3.33 -2.17
CA PRO A 340 -15.65 3.38 -1.63
C PRO A 340 -15.05 4.80 -1.54
N PHE A 341 -15.72 5.67 -0.77
CA PHE A 341 -15.21 7.00 -0.48
C PHE A 341 -15.35 7.30 1.01
N HIS A 342 -14.33 7.90 1.58
CA HIS A 342 -14.45 8.47 2.92
C HIS A 342 -14.98 9.89 2.79
N GLY A 343 -16.08 10.20 3.46
CA GLY A 343 -16.70 11.50 3.38
C GLY A 343 -16.66 12.22 4.72
N GLN A 344 -16.39 13.51 4.68
CA GLN A 344 -16.56 14.29 5.89
C GLN A 344 -17.19 15.61 5.51
N VAL A 345 -18.10 16.05 6.38
CA VAL A 345 -18.76 17.34 6.30
C VAL A 345 -18.32 18.16 7.51
N MET A 346 -17.93 19.41 7.28
CA MET A 346 -17.15 20.17 8.24
C MET A 346 -17.58 21.62 8.29
N GLN A 347 -17.71 22.15 9.51
CA GLN A 347 -17.66 23.58 9.69
C GLN A 347 -16.30 24.06 9.18
N LEU A 348 -16.25 25.32 8.71
CA LEU A 348 -15.11 25.74 7.91
C LEU A 348 -13.80 25.77 8.70
N ASP A 349 -13.84 26.09 10.01
CA ASP A 349 -12.57 26.16 10.72
C ASP A 349 -12.04 24.76 11.07
N ALA A 350 -12.75 23.71 10.70
CA ALA A 350 -12.29 22.33 10.78
C ALA A 350 -12.04 21.73 9.42
N SER A 351 -11.97 22.55 8.37
CA SER A 351 -11.65 21.90 7.11
C SER A 351 -10.15 22.01 6.82
N PRO A 352 -9.53 20.99 6.22
CA PRO A 352 -8.10 21.11 5.90
C PRO A 352 -7.83 21.97 4.69
N VAL A 353 -8.85 22.32 3.93
CA VAL A 353 -8.70 23.15 2.76
C VAL A 353 -9.64 24.34 2.93
N LYS A 354 -9.14 25.52 2.59
CA LYS A 354 -9.97 26.70 2.47
C LYS A 354 -10.92 26.51 1.30
N LEU A 355 -12.21 26.33 1.60
CA LEU A 355 -13.24 26.09 0.59
C LEU A 355 -14.04 27.34 0.27
N ALA A 356 -14.38 28.13 1.29
CA ALA A 356 -15.19 29.32 1.16
C ALA A 356 -15.00 30.16 2.41
N ASP A 357 -15.61 31.34 2.40
CA ASP A 357 -15.68 32.17 3.60
C ASP A 357 -17.05 32.00 4.20
N ASP A 358 -17.10 31.98 5.54
CA ASP A 358 -18.39 31.96 6.21
C ASP A 358 -19.11 33.27 5.95
N ASP A 359 -20.43 33.20 5.96
CA ASP A 359 -21.28 34.37 5.85
C ASP A 359 -21.30 35.08 7.19
N PRO A 360 -20.77 36.31 7.29
CA PRO A 360 -20.84 37.03 8.57
C PRO A 360 -22.26 37.31 9.01
N ALA A 361 -23.20 37.42 8.07
CA ALA A 361 -24.61 37.57 8.40
C ALA A 361 -25.18 36.35 9.13
N ALA A 362 -24.59 35.17 8.94
CA ALA A 362 -25.18 33.91 9.42
C ALA A 362 -24.07 32.93 9.73
N PRO A 363 -23.28 33.18 10.78
CA PRO A 363 -22.13 32.31 11.05
C PRO A 363 -22.58 30.86 11.25
N GLY A 364 -21.78 29.95 10.70
CA GLY A 364 -22.06 28.53 10.78
C GLY A 364 -22.90 27.97 9.64
N SER A 365 -23.43 28.81 8.74
CA SER A 365 -24.36 28.31 7.72
C SER A 365 -23.67 27.76 6.48
N ILE A 366 -22.42 28.11 6.21
CA ILE A 366 -21.66 27.56 5.09
C ILE A 366 -20.83 26.39 5.61
N VAL A 367 -20.97 25.22 4.97
CA VAL A 367 -20.25 24.02 5.41
C VAL A 367 -19.51 23.44 4.23
N GLY A 368 -18.33 22.88 4.50
CA GLY A 368 -17.52 22.21 3.51
C GLY A 368 -17.75 20.72 3.52
N LEU A 369 -17.52 20.10 2.37
CA LEU A 369 -17.54 18.66 2.20
C LEU A 369 -16.25 18.22 1.52
N GLY A 370 -15.68 17.11 2.02
CA GLY A 370 -14.63 16.42 1.31
C GLY A 370 -14.88 14.92 1.17
N LEU A 371 -14.72 14.42 -0.04
CA LEU A 371 -14.70 13.00 -0.31
C LEU A 371 -13.29 12.57 -0.74
N PHE A 372 -12.87 11.40 -0.27
CA PHE A 372 -11.54 10.87 -0.49
C PHE A 372 -11.66 9.50 -1.11
N CYS A 373 -10.86 9.27 -2.15
CA CYS A 373 -10.83 8.02 -2.88
C CYS A 373 -9.69 7.13 -2.40
N ALA A 374 -9.90 5.82 -2.53
CA ALA A 374 -8.82 4.84 -2.39
C ALA A 374 -8.05 4.73 -3.70
N LYS A 375 -6.73 4.57 -3.60
CA LYS A 375 -5.88 4.50 -4.77
C LYS A 375 -5.82 3.07 -5.31
N ASP A 376 -5.81 2.96 -6.63
CA ASP A 376 -5.39 1.72 -7.29
C ASP A 376 -3.90 1.58 -7.10
N LEU A 377 -3.49 0.69 -6.21
CA LEU A 377 -2.07 0.59 -5.85
C LEU A 377 -1.23 0.06 -7.01
N GLN A 378 -0.06 0.66 -7.19
CA GLN A 378 0.84 0.33 -8.29
C GLN A 378 2.26 0.23 -7.77
N ALA A 379 3.02 -0.71 -8.31
CA ALA A 379 4.44 -0.79 -7.98
C ALA A 379 5.18 0.46 -8.43
N SER A 380 4.77 1.06 -9.55
CA SER A 380 5.52 2.19 -10.10
C SER A 380 5.18 3.50 -9.42
N ASP A 381 4.07 3.56 -8.67
CA ASP A 381 3.81 4.72 -7.83
C ASP A 381 4.82 4.70 -6.69
N ARG A 382 5.81 5.60 -6.72
CA ARG A 382 6.87 5.52 -5.72
C ARG A 382 7.54 6.87 -5.53
N VAL A 383 8.35 6.94 -4.47
CA VAL A 383 9.33 8.01 -4.29
C VAL A 383 10.72 7.41 -4.49
N ALA A 384 11.48 7.98 -5.42
CA ALA A 384 12.84 7.60 -5.75
C ALA A 384 13.81 8.69 -5.31
N PHE A 385 15.09 8.33 -5.19
CA PHE A 385 16.08 9.24 -4.63
C PHE A 385 17.30 9.34 -5.52
N SER A 386 17.96 10.49 -5.45
CA SER A 386 19.08 10.83 -6.31
C SER A 386 20.40 10.57 -5.60
N ASP A 387 21.37 10.02 -6.34
CA ASP A 387 22.72 9.83 -5.82
C ASP A 387 23.45 11.14 -5.62
N SER A 388 23.11 12.16 -6.39
CA SER A 388 23.89 13.39 -6.44
C SER A 388 23.16 14.59 -5.86
N ASP A 389 21.92 14.82 -6.28
CA ASP A 389 21.17 15.98 -5.83
C ASP A 389 20.63 15.78 -4.42
N VAL A 390 20.47 16.89 -3.70
CA VAL A 390 20.03 16.89 -2.32
C VAL A 390 18.98 17.97 -2.14
N ASP A 391 18.19 17.83 -1.08
CA ASP A 391 17.16 18.81 -0.78
C ASP A 391 17.75 19.88 0.14
N GLY A 392 16.88 20.74 0.69
CA GLY A 392 17.36 21.83 1.52
C GLY A 392 18.02 21.40 2.80
N TYR A 393 17.80 20.15 3.22
CA TYR A 393 18.47 19.54 4.37
C TYR A 393 19.73 18.75 4.00
N GLY A 394 20.06 18.65 2.70
CA GLY A 394 21.19 17.85 2.28
C GLY A 394 20.96 16.36 2.23
N MET A 395 19.80 15.95 2.26
CA MET A 395 19.26 14.61 2.14
C MET A 395 18.98 14.32 0.67
N PRO A 396 19.06 13.05 0.26
CA PRO A 396 18.97 12.75 -1.18
C PRO A 396 17.64 13.23 -1.75
N ALA A 397 17.72 13.98 -2.85
CA ALA A 397 16.55 14.62 -3.41
C ALA A 397 15.58 13.57 -3.95
N MET A 398 14.28 13.88 -3.82
CA MET A 398 13.19 13.00 -4.23
C MET A 398 12.72 13.29 -5.64
N GLN A 399 12.37 12.21 -6.32
CA GLN A 399 11.62 12.24 -7.57
C GLN A 399 10.37 11.40 -7.32
N LEU A 400 9.22 11.96 -7.64
CA LEU A 400 7.94 11.32 -7.38
C LEU A 400 7.42 10.75 -8.70
N HIS A 401 7.04 9.46 -8.67
CA HIS A 401 6.46 8.79 -9.82
C HIS A 401 5.02 8.41 -9.45
N TYR A 402 4.07 8.89 -10.23
CA TYR A 402 2.67 8.73 -9.82
C TYR A 402 1.76 8.84 -11.03
N THR A 403 0.95 7.81 -11.22
CA THR A 403 0.04 7.73 -12.35
C THR A 403 -1.34 7.32 -11.83
N LEU A 404 -2.36 7.97 -12.38
CA LEU A 404 -3.75 7.58 -12.19
C LEU A 404 -4.10 6.50 -13.21
N SER A 405 -4.54 5.34 -12.74
CA SER A 405 -5.06 4.34 -13.66
C SER A 405 -6.51 4.68 -14.02
N ASP A 406 -7.05 3.95 -15.00
CA ASP A 406 -8.44 4.12 -15.41
C ASP A 406 -9.39 3.83 -14.25
N ARG A 407 -9.01 2.90 -13.36
CA ARG A 407 -9.84 2.65 -12.19
C ARG A 407 -9.83 3.86 -11.27
N ASP A 408 -8.69 4.54 -11.15
CA ASP A 408 -8.64 5.78 -10.37
C ASP A 408 -9.64 6.80 -10.91
N HIS A 409 -9.65 6.97 -12.24
CA HIS A 409 -10.51 7.99 -12.86
C HIS A 409 -11.99 7.64 -12.68
N ALA A 410 -12.32 6.36 -12.86
CA ALA A 410 -13.69 5.88 -12.64
C ALA A 410 -14.13 6.15 -11.20
N THR A 411 -13.29 5.82 -10.21
CA THR A 411 -13.73 6.04 -8.83
C THR A 411 -13.80 7.53 -8.49
N ILE A 412 -12.95 8.36 -9.09
CA ILE A 412 -13.02 9.80 -8.87
C ILE A 412 -14.33 10.36 -9.43
N ASP A 413 -14.73 9.91 -10.62
CA ASP A 413 -16.01 10.36 -11.18
C ASP A 413 -17.17 9.98 -10.27
N ARG A 414 -17.15 8.75 -9.74
CA ARG A 414 -18.14 8.37 -8.74
C ARG A 414 -18.13 9.34 -7.56
N ALA A 415 -16.95 9.62 -7.01
CA ALA A 415 -16.88 10.52 -5.87
C ALA A 415 -17.49 11.89 -6.19
N LYS A 416 -17.29 12.39 -7.41
CA LYS A 416 -17.86 13.68 -7.78
C LYS A 416 -19.40 13.67 -7.73
N ALA A 417 -20.01 12.62 -8.33
CA ALA A 417 -21.47 12.54 -8.28
C ALA A 417 -21.97 12.37 -6.84
N GLU A 418 -21.26 11.59 -6.02
CA GLU A 418 -21.74 11.40 -4.65
C GLU A 418 -21.58 12.65 -3.80
N ILE A 419 -20.53 13.43 -4.01
CA ILE A 419 -20.39 14.60 -3.14
C ILE A 419 -21.45 15.62 -3.46
N VAL A 420 -21.83 15.74 -4.74
CA VAL A 420 -22.95 16.63 -5.06
C VAL A 420 -24.25 16.12 -4.43
N ARG A 421 -24.48 14.79 -4.48
CA ARG A 421 -25.70 14.27 -3.88
C ARG A 421 -25.74 14.52 -2.36
N LEU A 422 -24.60 14.36 -1.69
CA LEU A 422 -24.59 14.60 -0.24
C LEU A 422 -24.75 16.08 0.08
N GLY A 423 -24.15 16.98 -0.73
CA GLY A 423 -24.25 18.39 -0.42
C GLY A 423 -25.63 18.97 -0.68
N LYS A 424 -26.30 18.53 -1.75
CA LYS A 424 -27.67 18.98 -1.99
C LYS A 424 -28.61 18.56 -0.86
N ALA A 425 -28.34 17.43 -0.20
CA ALA A 425 -29.18 17.03 0.91
C ALA A 425 -29.05 17.95 2.11
N ILE A 426 -28.04 18.82 2.14
CA ILE A 426 -27.76 19.64 3.32
C ILE A 426 -28.15 21.08 3.07
N GLY A 427 -28.04 21.52 1.83
CA GLY A 427 -28.27 22.93 1.52
C GLY A 427 -28.09 23.23 0.06
N ASP A 428 -27.93 24.53 -0.23
CA ASP A 428 -27.76 24.98 -1.59
C ASP A 428 -26.28 25.12 -1.90
N PRO A 429 -25.78 24.39 -2.90
CA PRO A 429 -24.34 24.42 -3.19
C PRO A 429 -23.88 25.83 -3.58
N LEU A 430 -22.65 26.16 -3.20
CA LEU A 430 -22.08 27.45 -3.58
C LEU A 430 -21.65 27.46 -5.04
N ASP A 431 -21.59 26.28 -5.66
CA ASP A 431 -21.10 26.02 -6.99
C ASP A 431 -21.85 24.78 -7.45
N ASP A 432 -22.17 24.68 -8.74
CA ASP A 432 -22.97 23.49 -9.05
C ASP A 432 -22.11 22.25 -9.20
N ARG A 433 -20.80 22.39 -9.29
CA ARG A 433 -19.97 21.21 -9.41
C ARG A 433 -18.83 21.24 -8.40
N PRO A 434 -18.38 20.07 -7.96
CA PRO A 434 -17.31 20.00 -6.96
C PRO A 434 -15.96 20.16 -7.65
N PHE A 435 -14.90 20.21 -6.85
CA PHE A 435 -13.53 20.47 -7.34
C PHE A 435 -12.63 19.31 -6.97
N VAL A 436 -11.92 18.76 -7.96
CA VAL A 436 -10.93 17.72 -7.66
C VAL A 436 -9.60 18.42 -7.31
N MET A 437 -9.17 18.29 -6.04
CA MET A 437 -7.95 18.95 -5.58
C MET A 437 -6.73 18.38 -6.34
N PRO A 438 -5.63 19.13 -6.42
CA PRO A 438 -4.43 18.56 -7.07
C PRO A 438 -3.86 17.41 -6.25
N LEU A 439 -3.29 16.43 -6.96
CA LEU A 439 -2.83 15.22 -6.30
C LEU A 439 -1.78 15.57 -5.24
N GLY A 440 -1.85 14.85 -4.12
CA GLY A 440 -1.09 15.20 -2.94
C GLY A 440 -1.83 16.08 -1.96
N ALA A 441 -2.94 16.69 -2.38
CA ALA A 441 -3.65 17.62 -1.53
C ALA A 441 -4.19 16.95 -0.27
N SER A 442 -4.46 15.63 -0.29
CA SER A 442 -5.02 14.98 0.89
C SER A 442 -4.05 14.94 2.06
N LEU A 443 -2.75 15.09 1.80
CA LEU A 443 -1.67 14.95 2.79
C LEU A 443 -1.71 13.60 3.49
N HIS A 444 -2.37 12.61 2.89
CA HIS A 444 -2.42 11.23 3.38
C HIS A 444 -1.60 10.38 2.42
N TYR A 445 -0.34 10.14 2.76
CA TYR A 445 0.55 9.36 1.90
C TYR A 445 0.86 8.05 2.62
N GLN A 446 0.48 6.94 1.99
CA GLN A 446 0.61 5.62 2.58
C GLN A 446 1.54 4.76 1.74
N GLY A 447 1.94 3.62 2.32
CA GLY A 447 2.39 2.49 1.55
C GLY A 447 3.88 2.43 1.27
N THR A 448 4.63 3.51 1.50
CA THR A 448 6.01 3.53 1.04
C THR A 448 6.93 2.64 1.88
N VAL A 449 6.49 2.25 3.08
CA VAL A 449 7.25 1.35 3.93
C VAL A 449 6.28 0.34 4.53
N ARG A 450 5.49 -0.31 3.68
CA ARG A 450 4.31 -1.04 4.13
C ARG A 450 4.67 -2.31 4.88
N MET A 451 3.81 -2.65 5.84
CA MET A 451 3.97 -3.88 6.59
C MET A 451 3.36 -5.04 5.81
N GLY A 452 3.97 -6.23 5.97
CA GLY A 452 3.44 -7.43 5.36
C GLY A 452 3.66 -8.62 6.27
N LEU A 453 3.05 -9.74 5.89
CA LEU A 453 3.15 -10.91 6.75
C LEU A 453 4.51 -11.61 6.63
N ALA A 454 5.16 -11.48 5.48
CA ALA A 454 6.39 -12.22 5.17
C ALA A 454 7.36 -11.33 4.42
N ASP A 455 8.65 -11.68 4.51
CA ASP A 455 9.70 -11.01 3.76
C ASP A 455 9.70 -11.55 2.33
N ASP A 456 8.72 -11.12 1.53
CA ASP A 456 8.60 -11.64 0.18
C ASP A 456 8.87 -10.60 -0.92
N GLY A 457 9.47 -9.46 -0.57
CA GLY A 457 9.75 -8.42 -1.53
C GLY A 457 8.66 -7.39 -1.68
N ALA A 458 7.44 -7.69 -1.22
CA ALA A 458 6.31 -6.80 -1.40
C ALA A 458 6.00 -5.96 -0.16
N SER A 459 6.88 -5.95 0.84
CA SER A 459 6.69 -5.14 2.04
C SER A 459 8.05 -4.70 2.57
N VAL A 460 8.06 -3.61 3.33
CA VAL A 460 9.27 -3.11 3.96
C VAL A 460 9.41 -3.62 5.41
N CYS A 461 8.30 -3.91 6.09
CA CYS A 461 8.44 -4.28 7.49
C CYS A 461 7.45 -5.38 7.85
N SER A 462 7.67 -5.95 9.03
CA SER A 462 6.85 -7.01 9.60
C SER A 462 5.63 -6.42 10.27
N PRO A 463 4.66 -7.25 10.69
CA PRO A 463 3.51 -6.70 11.43
C PRO A 463 3.92 -6.01 12.71
N ASP A 464 5.13 -6.26 13.20
CA ASP A 464 5.62 -5.47 14.32
C ASP A 464 6.39 -4.23 13.87
N SER A 465 6.24 -3.84 12.59
CA SER A 465 6.84 -2.65 12.00
C SER A 465 8.37 -2.72 11.92
N GLU A 466 8.96 -3.89 12.08
CA GLU A 466 10.41 -4.05 11.99
C GLU A 466 10.80 -4.36 10.55
N VAL A 467 11.78 -3.64 10.01
CA VAL A 467 12.05 -3.73 8.58
C VAL A 467 12.84 -5.02 8.29
N TRP A 468 12.40 -5.74 7.27
CA TRP A 468 13.06 -6.98 6.85
C TRP A 468 14.53 -6.73 6.56
N GLY A 469 15.39 -7.52 7.21
CA GLY A 469 16.81 -7.46 6.93
C GLY A 469 17.61 -6.46 7.74
N ALA A 470 16.94 -5.54 8.45
CA ALA A 470 17.59 -4.65 9.39
C ALA A 470 16.88 -4.81 10.73
N PRO A 471 17.18 -5.87 11.47
CA PRO A 471 16.56 -6.05 12.78
C PRO A 471 16.91 -4.91 13.72
N GLY A 472 15.94 -4.53 14.55
CA GLY A 472 16.09 -3.38 15.41
C GLY A 472 15.77 -2.06 14.76
N LEU A 473 15.64 -2.00 13.44
CA LEU A 473 15.15 -0.79 12.78
C LEU A 473 13.64 -0.91 12.63
N PHE A 474 12.93 0.15 13.00
CA PHE A 474 11.48 0.18 12.96
C PHE A 474 11.03 1.38 12.16
N VAL A 475 9.85 1.26 11.55
CA VAL A 475 9.25 2.37 10.81
C VAL A 475 7.85 2.63 11.37
N ALA A 476 7.37 3.84 11.15
CA ALA A 476 6.14 4.27 11.81
C ALA A 476 5.51 5.39 11.00
N GLY A 477 4.20 5.35 10.85
CA GLY A 477 3.37 6.39 10.30
C GLY A 477 2.47 5.84 9.23
N ASN A 478 1.85 6.76 8.49
CA ASN A 478 0.97 6.39 7.39
C ASN A 478 1.68 5.54 6.36
N GLY A 479 2.99 5.72 6.19
CA GLY A 479 3.78 4.90 5.27
C GLY A 479 3.72 3.42 5.55
N VAL A 480 3.30 3.01 6.76
CA VAL A 480 3.24 1.59 7.10
C VAL A 480 1.96 0.94 6.61
N ILE A 481 0.92 1.71 6.31
CA ILE A 481 -0.36 1.12 5.91
C ILE A 481 -0.22 0.44 4.56
N PRO A 482 -0.52 -0.84 4.46
CA PRO A 482 -0.23 -1.55 3.21
C PRO A 482 -1.45 -1.69 2.31
N THR A 483 -2.62 -1.34 2.81
CA THR A 483 -3.85 -1.51 2.05
C THR A 483 -4.22 -0.21 1.33
N ALA A 484 -5.24 -0.32 0.48
CA ALA A 484 -5.79 0.81 -0.25
C ALA A 484 -6.87 1.42 0.62
N THR A 485 -6.64 2.64 1.12
CA THR A 485 -7.54 3.25 2.10
C THR A 485 -8.05 4.58 1.56
N ALA A 486 -9.24 4.98 2.02
CA ALA A 486 -9.76 6.32 1.79
C ALA A 486 -9.77 7.19 3.05
N CYS A 487 -9.85 6.59 4.24
CA CYS A 487 -10.11 7.36 5.45
C CYS A 487 -8.84 8.03 5.94
N ASN A 488 -8.99 8.97 6.84
CA ASN A 488 -7.82 9.70 7.31
C ASN A 488 -6.91 8.72 8.04
N PRO A 489 -5.61 8.69 7.71
CA PRO A 489 -4.79 7.54 8.11
C PRO A 489 -4.17 7.60 9.49
N THR A 490 -4.14 8.78 10.13
CA THR A 490 -3.30 8.95 11.30
C THR A 490 -3.66 7.96 12.41
N LEU A 491 -4.96 7.82 12.73
CA LEU A 491 -5.32 6.88 13.79
C LEU A 491 -4.76 5.49 13.50
N THR A 492 -4.80 5.07 12.22
CA THR A 492 -4.31 3.74 11.88
C THR A 492 -2.80 3.65 12.00
N GLY A 493 -2.08 4.66 11.51
CA GLY A 493 -0.64 4.73 11.70
C GLY A 493 -0.24 4.66 13.17
N VAL A 494 -0.94 5.41 14.03
CA VAL A 494 -0.69 5.37 15.47
C VAL A 494 -0.97 3.97 16.04
N ALA A 495 -2.05 3.31 15.60
CA ALA A 495 -2.34 1.95 16.06
C ALA A 495 -1.20 0.97 15.73
N LEU A 496 -0.70 1.04 14.48
CA LEU A 496 0.42 0.16 14.13
C LEU A 496 1.66 0.52 14.94
N ALA A 497 1.84 1.83 15.22
CA ALA A 497 2.93 2.24 16.11
C ALA A 497 2.76 1.64 17.50
N VAL A 498 1.52 1.52 17.98
CA VAL A 498 1.27 0.89 19.27
C VAL A 498 1.78 -0.53 19.29
N ARG A 499 1.46 -1.30 18.25
CA ARG A 499 1.98 -2.67 18.20
C ARG A 499 3.51 -2.67 18.17
N GLY A 500 4.10 -1.81 17.36
CA GLY A 500 5.56 -1.79 17.26
C GLY A 500 6.24 -1.45 18.58
N ALA A 501 5.74 -0.42 19.26
CA ALA A 501 6.33 0.00 20.54
C ALA A 501 6.11 -1.05 21.62
N ARG A 502 4.97 -1.74 21.61
CA ARG A 502 4.79 -2.86 22.53
C ARG A 502 5.82 -3.95 22.26
N HIS A 503 6.12 -4.20 20.98
CA HIS A 503 7.14 -5.20 20.66
C HIS A 503 8.51 -4.79 21.19
N ILE A 504 8.89 -3.52 21.00
CA ILE A 504 10.18 -3.06 21.52
C ILE A 504 10.22 -3.19 23.04
N ALA A 505 9.10 -2.89 23.73
CA ALA A 505 9.05 -3.07 25.18
C ALA A 505 9.22 -4.53 25.56
N ASP A 506 8.54 -5.44 24.85
CA ASP A 506 8.76 -6.88 25.07
C ASP A 506 10.25 -7.21 24.97
N GLU A 507 10.89 -6.71 23.91
CA GLU A 507 12.31 -7.00 23.69
C GLU A 507 13.17 -6.43 24.82
N ILE A 508 12.86 -5.23 25.29
CA ILE A 508 13.68 -4.61 26.33
C ILE A 508 13.54 -5.37 27.64
N THR A 509 12.29 -5.62 28.07
CA THR A 509 12.08 -6.36 29.30
C THR A 509 12.69 -7.76 29.21
N ALA A 510 12.66 -8.38 28.02
CA ALA A 510 13.32 -9.66 27.85
C ALA A 510 14.84 -9.53 27.88
N ASP A 511 15.38 -8.35 27.56
CA ASP A 511 16.83 -8.16 27.56
C ASP A 511 17.47 -8.36 28.93
N LEU A 512 16.67 -8.52 29.99
CA LEU A 512 17.22 -8.88 31.30
C LEU A 512 17.92 -10.25 31.30
N ALA A 513 17.78 -11.02 30.23
CA ALA A 513 18.47 -12.29 30.10
C ALA A 513 19.99 -12.12 30.12
N ARG B 4 -10.73 -27.46 -41.35
CA ARG B 4 -11.05 -27.25 -39.95
C ARG B 4 -11.73 -25.90 -39.71
N VAL B 5 -12.64 -25.85 -38.74
CA VAL B 5 -13.34 -24.62 -38.38
C VAL B 5 -13.32 -24.49 -36.87
N TYR B 6 -13.09 -23.28 -36.41
CA TYR B 6 -13.04 -22.99 -34.99
C TYR B 6 -14.46 -22.82 -34.42
N PRO B 7 -14.69 -23.18 -33.16
CA PRO B 7 -16.04 -23.10 -32.61
C PRO B 7 -16.47 -21.64 -32.45
N ALA B 8 -17.70 -21.34 -32.90
CA ALA B 8 -18.20 -19.98 -32.77
C ALA B 8 -18.17 -19.52 -31.33
N GLN B 9 -18.33 -20.45 -30.39
CA GLN B 9 -18.30 -20.13 -28.96
C GLN B 9 -18.10 -21.42 -28.18
N VAL B 10 -17.26 -21.35 -27.16
CA VAL B 10 -17.08 -22.45 -26.21
C VAL B 10 -17.19 -21.90 -24.80
N ASP B 11 -17.18 -22.82 -23.83
CA ASP B 11 -17.23 -22.42 -22.43
C ASP B 11 -15.88 -21.95 -21.94
N VAL B 12 -14.81 -22.67 -22.28
CA VAL B 12 -13.46 -22.30 -21.85
C VAL B 12 -12.51 -22.38 -23.03
N ALA B 13 -11.66 -21.35 -23.16
CA ALA B 13 -10.62 -21.27 -24.18
C ALA B 13 -9.27 -21.16 -23.49
N ILE B 14 -8.40 -22.17 -23.68
CA ILE B 14 -7.07 -22.21 -23.05
C ILE B 14 -6.04 -21.85 -24.09
N VAL B 15 -5.05 -21.07 -23.69
CA VAL B 15 -3.97 -20.65 -24.58
C VAL B 15 -2.70 -21.38 -24.16
N GLY B 16 -2.24 -22.29 -25.00
CA GLY B 16 -1.00 -23.00 -24.73
C GLY B 16 -1.24 -24.45 -24.35
N SER B 17 -0.33 -25.31 -24.77
CA SER B 17 -0.46 -26.77 -24.60
C SER B 17 0.46 -27.32 -23.52
N GLY B 18 1.15 -26.47 -22.78
CA GLY B 18 2.08 -26.94 -21.79
C GLY B 18 1.38 -27.66 -20.65
N PRO B 19 2.18 -28.10 -19.66
CA PRO B 19 1.60 -28.83 -18.53
C PRO B 19 0.57 -28.02 -17.77
N ALA B 20 0.85 -26.73 -17.56
CA ALA B 20 -0.06 -25.88 -16.80
C ALA B 20 -1.39 -25.70 -17.53
N GLY B 21 -1.34 -25.35 -18.82
CA GLY B 21 -2.57 -25.34 -19.61
C GLY B 21 -3.23 -26.71 -19.64
N ALA B 22 -2.43 -27.76 -19.82
CA ALA B 22 -2.98 -29.11 -19.74
C ALA B 22 -3.54 -29.40 -18.35
N THR B 23 -2.84 -28.94 -17.30
CA THR B 23 -3.31 -29.16 -15.94
C THR B 23 -4.66 -28.50 -15.71
N TYR B 24 -5.01 -27.49 -16.50
CA TYR B 24 -6.38 -27.00 -16.51
C TYR B 24 -7.29 -28.00 -17.23
N ALA B 25 -6.77 -28.65 -18.26
CA ALA B 25 -7.61 -29.53 -19.07
C ALA B 25 -7.97 -30.81 -18.31
N ARG B 26 -6.97 -31.46 -17.69
CA ARG B 26 -7.24 -32.65 -16.89
C ARG B 26 -8.15 -32.33 -15.72
N ILE B 27 -7.81 -31.29 -14.93
CA ILE B 27 -8.58 -30.97 -13.72
C ILE B 27 -9.98 -30.44 -14.04
N LEU B 28 -10.20 -29.90 -15.23
CA LEU B 28 -11.56 -29.57 -15.59
C LEU B 28 -12.30 -30.76 -16.21
N SER B 29 -11.55 -31.70 -16.80
CA SER B 29 -12.15 -32.93 -17.30
C SER B 29 -12.55 -33.87 -16.15
N GLU B 30 -11.77 -33.88 -15.08
CA GLU B 30 -12.06 -34.71 -13.91
C GLU B 30 -13.23 -34.15 -13.12
N SER B 34 -18.23 -32.18 -18.97
CA SER B 34 -19.53 -31.52 -19.08
C SER B 34 -19.58 -30.23 -19.93
N ALA B 35 -18.46 -29.55 -20.18
CA ALA B 35 -18.49 -28.23 -20.80
C ALA B 35 -17.51 -28.12 -21.97
N THR B 36 -17.84 -27.22 -22.90
CA THR B 36 -17.06 -27.06 -24.13
C THR B 36 -15.71 -26.41 -23.83
N ILE B 37 -14.63 -27.14 -24.08
CA ILE B 37 -13.26 -26.63 -23.96
C ILE B 37 -12.68 -26.51 -25.37
N ALA B 38 -11.96 -25.42 -25.62
CA ALA B 38 -11.23 -25.23 -26.88
C ALA B 38 -9.82 -24.77 -26.54
N MET B 39 -8.83 -25.51 -27.01
CA MET B 39 -7.43 -25.27 -26.66
C MET B 39 -6.66 -24.91 -27.91
N PHE B 40 -5.86 -23.85 -27.83
CA PHE B 40 -5.12 -23.34 -28.96
C PHE B 40 -3.64 -23.34 -28.62
N GLU B 41 -2.84 -24.00 -29.44
CA GLU B 41 -1.40 -24.12 -29.28
C GLU B 41 -0.72 -23.72 -30.58
N VAL B 42 0.28 -22.84 -30.48
CA VAL B 42 0.94 -22.28 -31.65
C VAL B 42 1.91 -23.23 -32.31
N GLY B 43 2.29 -24.32 -31.65
CA GLY B 43 3.20 -25.29 -32.23
C GLY B 43 2.56 -26.19 -33.26
N GLY B 130 10.93 -32.01 -16.31
CA GLY B 130 10.91 -33.44 -16.04
C GLY B 130 11.06 -33.80 -14.56
N ALA B 131 11.92 -33.07 -13.86
CA ALA B 131 12.18 -33.31 -12.43
C ALA B 131 11.32 -32.37 -11.60
N CYS B 132 10.69 -32.91 -10.55
CA CYS B 132 9.64 -32.21 -9.79
C CYS B 132 9.92 -32.26 -8.29
N PRO B 133 10.91 -31.53 -7.81
CA PRO B 133 11.10 -31.42 -6.36
C PRO B 133 9.98 -30.60 -5.74
N ARG B 134 9.80 -30.78 -4.43
CA ARG B 134 8.81 -30.01 -3.70
C ARG B 134 9.40 -28.68 -3.26
N PRO B 135 8.69 -27.57 -3.45
CA PRO B 135 9.16 -26.31 -2.89
C PRO B 135 9.19 -26.41 -1.38
N ASN B 136 10.16 -25.77 -0.76
CA ASN B 136 10.34 -25.88 0.67
C ASN B 136 10.70 -24.52 1.25
N ASP B 137 10.36 -24.34 2.53
CA ASP B 137 10.79 -23.18 3.33
C ASP B 137 10.42 -21.91 2.56
N SER B 138 11.36 -20.96 2.38
CA SER B 138 11.06 -19.68 1.71
C SER B 138 10.38 -19.87 0.35
N GLU B 139 10.74 -20.92 -0.38
CA GLU B 139 10.22 -21.15 -1.73
C GLU B 139 8.72 -21.42 -1.74
N ARG B 140 8.09 -21.62 -0.59
CA ARG B 140 6.68 -22.00 -0.51
C ARG B 140 5.79 -20.78 -0.33
N ILE B 141 4.65 -20.79 -1.03
CA ILE B 141 3.71 -19.68 -1.02
C ILE B 141 2.97 -19.68 0.33
N GLY B 142 3.19 -18.63 1.13
CA GLY B 142 2.79 -18.68 2.52
C GLY B 142 1.28 -18.70 2.72
N PHE B 143 0.56 -17.77 2.08
CA PHE B 143 -0.89 -17.67 2.24
C PHE B 143 -1.63 -18.87 1.69
N LEU B 144 -0.95 -19.75 0.96
CA LEU B 144 -1.48 -21.03 0.53
C LEU B 144 -1.03 -22.18 1.43
N ASP B 145 0.12 -22.02 2.10
CA ASP B 145 0.70 -23.08 2.91
C ASP B 145 0.07 -23.18 4.30
N GLU B 146 -0.38 -22.06 4.87
CA GLU B 146 -0.96 -22.12 6.21
C GLU B 146 -2.32 -22.81 6.19
N THR B 147 -3.14 -22.51 5.18
CA THR B 147 -4.46 -23.12 5.04
C THR B 147 -4.40 -24.64 4.96
N GLY B 148 -3.21 -25.23 4.84
CA GLY B 148 -3.07 -26.62 4.51
C GLY B 148 -3.13 -26.90 3.02
N GLU B 149 -3.34 -25.87 2.20
CA GLU B 149 -3.72 -26.06 0.82
C GLU B 149 -2.54 -26.46 -0.07
N LEU B 150 -1.36 -25.86 0.19
CA LEU B 150 -0.19 -26.09 -0.66
C LEU B 150 0.19 -27.56 -0.73
N ASP B 151 0.08 -28.29 0.39
CA ASP B 151 0.48 -29.69 0.39
C ASP B 151 -0.50 -30.53 -0.41
N GLU B 152 -1.80 -30.28 -0.27
CA GLU B 152 -2.78 -30.92 -1.12
C GLU B 152 -2.46 -30.64 -2.59
N LEU B 153 -2.28 -29.36 -2.94
CA LEU B 153 -2.11 -29.00 -4.33
C LEU B 153 -0.82 -29.58 -4.91
N LEU B 154 0.26 -29.59 -4.14
CA LEU B 154 1.51 -30.13 -4.65
C LEU B 154 1.43 -31.66 -4.79
N SER B 155 0.77 -32.35 -3.85
CA SER B 155 0.56 -33.77 -4.03
C SER B 155 -0.29 -34.05 -5.27
N GLU B 156 -1.32 -33.25 -5.50
CA GLU B 156 -2.19 -33.46 -6.67
C GLU B 156 -1.48 -33.05 -7.95
N GLY B 157 -0.50 -32.17 -7.86
CA GLY B 157 0.33 -31.91 -9.02
C GLY B 157 1.24 -33.09 -9.34
N GLU B 158 1.86 -33.66 -8.31
CA GLU B 158 2.67 -34.86 -8.50
C GLU B 158 1.84 -35.99 -9.11
N ARG B 159 0.57 -36.07 -8.73
CA ARG B 159 -0.33 -37.07 -9.31
C ARG B 159 -0.70 -36.71 -10.75
N LEU B 160 -1.03 -35.45 -11.03
CA LEU B 160 -1.37 -35.03 -12.39
C LEU B 160 -0.19 -35.22 -13.35
N LEU B 161 1.04 -35.16 -12.83
CA LEU B 161 2.23 -35.42 -13.63
C LEU B 161 2.72 -36.86 -13.52
N GLY B 162 2.75 -37.41 -12.31
CA GLY B 162 3.21 -38.77 -12.13
C GLY B 162 4.66 -38.87 -11.71
N VAL B 163 4.99 -38.31 -10.55
CA VAL B 163 6.35 -38.34 -10.04
C VAL B 163 6.61 -39.67 -9.34
N THR B 164 7.80 -40.23 -9.55
CA THR B 164 8.18 -41.49 -8.91
C THR B 164 9.36 -41.31 -7.98
N GLN B 196 17.58 -37.93 0.19
CA GLN B 196 18.41 -37.11 -0.68
C GLN B 196 18.31 -37.59 -2.12
N ARG B 197 17.11 -38.02 -2.52
CA ARG B 197 16.84 -38.50 -3.86
C ARG B 197 16.46 -37.32 -4.76
N MET B 198 15.81 -37.60 -5.91
CA MET B 198 15.27 -36.56 -6.77
C MET B 198 14.07 -37.06 -7.55
N PRO B 199 12.88 -36.50 -7.33
CA PRO B 199 11.70 -36.99 -8.06
C PRO B 199 11.69 -36.49 -9.50
N LEU B 200 11.13 -37.33 -10.37
CA LEU B 200 11.10 -37.03 -11.80
C LEU B 200 9.85 -37.63 -12.42
N ALA B 201 9.61 -37.30 -13.69
CA ALA B 201 8.42 -37.78 -14.41
C ALA B 201 8.78 -38.39 -15.76
N GLY B 214 5.66 -36.64 -20.17
CA GLY B 214 5.57 -35.30 -20.71
C GLY B 214 4.27 -34.58 -20.36
N SER B 215 3.76 -33.76 -21.27
CA SER B 215 2.46 -33.11 -21.07
C SER B 215 1.30 -34.01 -21.48
N ASP B 216 1.55 -35.09 -22.23
CA ASP B 216 0.48 -36.02 -22.58
C ASP B 216 -0.02 -36.77 -21.34
N VAL B 217 0.91 -37.15 -20.47
CA VAL B 217 0.56 -37.74 -19.18
C VAL B 217 -0.42 -36.83 -18.44
N VAL B 218 -0.12 -35.53 -18.39
CA VAL B 218 -0.96 -34.59 -17.63
C VAL B 218 -2.31 -34.40 -18.31
N LEU B 219 -2.31 -34.20 -19.63
CA LEU B 219 -3.57 -34.01 -20.35
C LEU B 219 -4.51 -35.18 -20.10
N GLY B 220 -3.97 -36.40 -20.16
CA GLY B 220 -4.70 -37.57 -19.70
C GLY B 220 -5.68 -38.14 -20.69
N ASP B 221 -5.89 -39.46 -20.62
CA ASP B 221 -6.93 -40.09 -21.42
C ASP B 221 -8.31 -39.53 -21.10
N ILE B 222 -8.53 -39.16 -19.83
CA ILE B 222 -9.84 -38.64 -19.43
C ILE B 222 -10.23 -37.44 -20.28
N THR B 223 -9.24 -36.62 -20.65
CA THR B 223 -9.47 -35.46 -21.51
C THR B 223 -9.34 -35.82 -22.99
N ARG B 224 -8.38 -36.67 -23.35
CA ARG B 224 -8.23 -37.08 -24.74
C ARG B 224 -9.45 -37.85 -25.25
N GLY B 225 -10.26 -38.40 -24.35
CA GLY B 225 -11.52 -39.01 -24.74
C GLY B 225 -12.73 -38.11 -24.48
N ASN B 226 -12.50 -36.95 -23.87
CA ASN B 226 -13.55 -35.97 -23.65
C ASN B 226 -14.05 -35.46 -25.00
N PRO B 227 -15.32 -35.72 -25.37
CA PRO B 227 -15.81 -35.25 -26.67
C PRO B 227 -15.97 -33.75 -26.77
N ASN B 228 -15.96 -33.01 -25.65
CA ASN B 228 -16.00 -31.56 -25.69
C ASN B 228 -14.61 -30.92 -25.75
N PHE B 229 -13.56 -31.67 -25.43
CA PHE B 229 -12.20 -31.16 -25.54
C PHE B 229 -11.71 -31.34 -26.96
N THR B 230 -11.19 -30.26 -27.55
CA THR B 230 -10.58 -30.31 -28.87
C THR B 230 -9.35 -29.40 -28.86
N LEU B 231 -8.18 -29.97 -29.12
CA LEU B 231 -6.95 -29.22 -29.25
C LEU B 231 -6.80 -28.75 -30.69
N PHE B 232 -6.51 -27.46 -30.87
CA PHE B 232 -6.18 -26.89 -32.17
C PHE B 232 -4.70 -26.52 -32.14
N ASP B 233 -3.86 -27.39 -32.69
CA ASP B 233 -2.45 -27.08 -32.86
C ASP B 233 -2.28 -26.08 -33.99
N GLU B 234 -1.05 -25.60 -34.16
CA GLU B 234 -0.74 -24.62 -35.20
C GLU B 234 -1.72 -23.44 -35.15
N SER B 235 -2.02 -22.99 -33.93
CA SER B 235 -2.99 -21.93 -33.69
C SER B 235 -2.38 -20.87 -32.79
N LEU B 236 -2.28 -19.65 -33.29
CA LEU B 236 -1.73 -18.54 -32.53
C LEU B 236 -2.87 -17.64 -32.06
N VAL B 237 -2.95 -17.40 -30.75
CA VAL B 237 -3.91 -16.45 -30.20
C VAL B 237 -3.26 -15.09 -30.08
N THR B 238 -3.92 -14.11 -30.67
CA THR B 238 -3.38 -12.78 -30.79
C THR B 238 -4.07 -11.77 -29.89
N ARG B 239 -5.24 -12.10 -29.35
CA ARG B 239 -6.03 -11.13 -28.61
C ARG B 239 -7.01 -11.84 -27.68
N VAL B 240 -7.12 -11.34 -26.45
CA VAL B 240 -8.19 -11.75 -25.54
C VAL B 240 -9.32 -10.74 -25.68
N LEU B 241 -10.49 -11.20 -26.11
CA LEU B 241 -11.68 -10.37 -26.16
C LEU B 241 -12.09 -9.96 -24.75
N VAL B 242 -12.41 -8.68 -24.59
CA VAL B 242 -12.83 -8.12 -23.31
C VAL B 242 -14.10 -7.32 -23.56
N GLU B 243 -15.19 -7.74 -22.91
CA GLU B 243 -16.51 -7.17 -23.18
C GLU B 243 -17.17 -6.82 -21.85
N ASP B 244 -17.52 -5.55 -21.68
CA ASP B 244 -18.11 -5.03 -20.44
C ASP B 244 -17.19 -5.21 -19.24
N GLY B 245 -15.87 -5.29 -19.47
CA GLY B 245 -14.92 -5.52 -18.42
C GLY B 245 -14.46 -6.96 -18.26
N ARG B 246 -15.25 -7.94 -18.70
CA ARG B 246 -14.94 -9.34 -18.49
C ARG B 246 -14.36 -9.98 -19.74
N ALA B 247 -13.66 -11.09 -19.55
CA ALA B 247 -13.17 -11.87 -20.69
C ALA B 247 -14.36 -12.40 -21.50
N ALA B 248 -14.27 -12.28 -22.81
CA ALA B 248 -15.37 -12.67 -23.69
C ALA B 248 -14.91 -13.64 -24.79
N GLY B 249 -13.74 -14.25 -24.63
CA GLY B 249 -13.19 -15.13 -25.65
C GLY B 249 -11.85 -14.62 -26.19
N VAL B 250 -11.61 -14.91 -27.47
CA VAL B 250 -10.26 -15.06 -28.01
C VAL B 250 -10.30 -14.86 -29.52
N VAL B 251 -9.24 -14.24 -30.05
CA VAL B 251 -9.09 -14.06 -31.49
C VAL B 251 -7.98 -15.01 -31.93
N VAL B 252 -8.34 -15.99 -32.76
CA VAL B 252 -7.46 -17.09 -33.13
C VAL B 252 -7.13 -16.97 -34.61
N THR B 253 -5.84 -17.06 -34.94
CA THR B 253 -5.37 -17.19 -36.31
C THR B 253 -4.79 -18.57 -36.51
N ASP B 254 -5.18 -19.23 -37.60
CA ASP B 254 -4.59 -20.53 -37.94
C ASP B 254 -3.27 -20.29 -38.67
N VAL B 255 -2.18 -20.81 -38.08
CA VAL B 255 -0.85 -20.62 -38.65
C VAL B 255 -0.76 -21.21 -40.05
N ARG B 256 -1.47 -22.31 -40.30
CA ARG B 256 -1.42 -22.94 -41.62
C ARG B 256 -2.06 -22.08 -42.70
N THR B 257 -2.87 -21.07 -42.35
CA THR B 257 -3.55 -20.27 -43.36
C THR B 257 -3.34 -18.76 -43.19
N GLY B 258 -3.06 -18.33 -41.97
CA GLY B 258 -2.95 -16.90 -41.76
C GLY B 258 -4.27 -16.16 -41.81
N GLU B 259 -5.34 -16.78 -41.34
CA GLU B 259 -6.62 -16.09 -41.18
C GLU B 259 -7.08 -16.19 -39.73
N ARG B 260 -7.99 -15.27 -39.38
CA ARG B 260 -8.38 -14.99 -38.00
C ARG B 260 -9.89 -15.10 -37.85
N ARG B 261 -10.32 -15.49 -36.64
CA ARG B 261 -11.73 -15.52 -36.27
C ARG B 261 -11.84 -15.49 -34.76
N ASP B 262 -12.98 -15.00 -34.28
CA ASP B 262 -13.26 -14.99 -32.84
C ASP B 262 -13.87 -16.31 -32.39
N VAL B 263 -13.44 -16.79 -31.22
CA VAL B 263 -14.17 -17.78 -30.45
C VAL B 263 -14.59 -17.09 -29.15
N ARG B 264 -15.91 -16.98 -28.95
CA ARG B 264 -16.40 -16.39 -27.71
C ARG B 264 -16.28 -17.41 -26.59
N ALA B 265 -16.11 -16.90 -25.37
CA ALA B 265 -15.87 -17.75 -24.21
C ALA B 265 -16.07 -16.94 -22.94
N ARG B 266 -16.71 -17.57 -21.95
CA ARG B 266 -16.88 -16.93 -20.64
C ARG B 266 -15.65 -17.07 -19.76
N PHE B 267 -14.72 -17.96 -20.11
CA PHE B 267 -13.54 -18.24 -19.31
C PHE B 267 -12.34 -18.40 -20.24
N VAL B 268 -11.33 -17.55 -20.06
CA VAL B 268 -10.13 -17.56 -20.88
C VAL B 268 -8.94 -17.85 -19.98
N VAL B 269 -8.26 -18.96 -20.22
CA VAL B 269 -7.07 -19.33 -19.45
C VAL B 269 -5.86 -19.21 -20.36
N VAL B 270 -4.94 -18.34 -19.98
CA VAL B 270 -3.75 -18.07 -20.78
C VAL B 270 -2.59 -18.77 -20.09
N ALA B 271 -2.05 -19.81 -20.73
CA ALA B 271 -1.02 -20.65 -20.15
C ALA B 271 0.16 -20.77 -21.11
N ALA B 272 0.55 -19.67 -21.72
CA ALA B 272 1.50 -19.70 -22.81
C ALA B 272 2.78 -19.01 -22.39
N ASP B 273 3.48 -19.61 -21.41
CA ASP B 273 4.88 -19.27 -21.18
C ASP B 273 5.01 -17.95 -20.40
N ALA B 274 6.01 -17.89 -19.51
CA ALA B 274 6.13 -16.75 -18.59
C ALA B 274 6.32 -15.43 -19.31
N LEU B 275 6.69 -15.45 -20.59
CA LEU B 275 6.89 -14.23 -21.34
C LEU B 275 5.77 -13.96 -22.33
N ARG B 276 5.25 -15.01 -22.97
CA ARG B 276 4.19 -14.84 -23.97
C ARG B 276 2.81 -14.66 -23.35
N THR B 277 2.61 -15.12 -22.10
CA THR B 277 1.40 -14.80 -21.34
C THR B 277 1.22 -13.31 -21.06
N PRO B 278 2.18 -12.60 -20.43
CA PRO B 278 2.01 -11.14 -20.30
C PRO B 278 1.96 -10.44 -21.65
N GLN B 279 2.66 -10.99 -22.65
CA GLN B 279 2.66 -10.40 -23.99
C GLN B 279 1.25 -10.34 -24.55
N LEU B 280 0.51 -11.45 -24.50
CA LEU B 280 -0.86 -11.47 -25.00
C LEU B 280 -1.75 -10.59 -24.14
N LEU B 281 -1.53 -10.57 -22.83
CA LEU B 281 -2.33 -9.70 -21.98
C LEU B 281 -2.18 -8.25 -22.40
N TRP B 282 -0.93 -7.78 -22.44
CA TRP B 282 -0.62 -6.43 -22.91
C TRP B 282 -1.21 -6.16 -24.29
N ALA B 283 -1.01 -7.10 -25.23
CA ALA B 283 -1.53 -6.95 -26.57
C ALA B 283 -3.05 -6.81 -26.62
N SER B 284 -3.77 -7.30 -25.61
CA SER B 284 -5.22 -7.17 -25.56
C SER B 284 -5.69 -6.06 -24.63
N GLY B 285 -4.78 -5.21 -24.15
CA GLY B 285 -5.14 -4.10 -23.30
C GLY B 285 -5.12 -4.36 -21.81
N ILE B 286 -4.99 -5.62 -21.37
CA ILE B 286 -4.94 -5.88 -19.93
C ILE B 286 -3.57 -5.47 -19.41
N ARG B 287 -3.45 -4.25 -18.92
CA ARG B 287 -2.16 -3.69 -18.52
C ARG B 287 -2.23 -3.17 -17.09
N PRO B 288 -2.27 -4.08 -16.12
CA PRO B 288 -1.99 -3.67 -14.74
C PRO B 288 -0.50 -3.40 -14.59
N ASP B 289 -0.19 -2.52 -13.65
CA ASP B 289 1.21 -2.11 -13.49
C ASP B 289 2.12 -3.28 -13.10
N ALA B 290 1.59 -4.33 -12.45
CA ALA B 290 2.41 -5.48 -12.10
C ALA B 290 2.72 -6.40 -13.29
N LEU B 291 2.04 -6.23 -14.42
CA LEU B 291 2.16 -7.17 -15.52
C LEU B 291 3.59 -7.22 -16.06
N GLY B 292 4.15 -8.43 -16.10
CA GLY B 292 5.53 -8.59 -16.50
C GLY B 292 6.55 -8.30 -15.43
N ARG B 293 6.15 -7.81 -14.25
CA ARG B 293 7.13 -7.42 -13.24
C ARG B 293 7.52 -8.62 -12.40
N TYR B 294 8.52 -8.42 -11.53
CA TYR B 294 9.01 -9.45 -10.62
C TYR B 294 9.48 -10.69 -11.38
N LEU B 295 9.99 -10.48 -12.58
CA LEU B 295 10.55 -11.56 -13.38
C LEU B 295 11.84 -12.05 -12.76
N ASN B 296 11.97 -13.35 -12.60
CA ASN B 296 13.20 -13.89 -12.02
C ASN B 296 13.61 -15.17 -12.74
N ASP B 297 14.92 -15.43 -12.73
CA ASP B 297 15.49 -16.66 -13.23
C ASP B 297 16.35 -17.28 -12.14
N GLN B 298 16.48 -18.60 -12.20
CA GLN B 298 17.25 -19.35 -11.22
C GLN B 298 18.67 -19.52 -11.75
N ALA B 299 19.61 -18.83 -11.13
CA ALA B 299 21.00 -18.89 -11.56
C ALA B 299 21.56 -20.29 -11.27
N GLN B 300 22.10 -20.94 -12.31
CA GLN B 300 22.56 -22.31 -12.23
C GLN B 300 24.02 -22.36 -11.82
N ILE B 301 24.30 -22.98 -10.68
CA ILE B 301 25.67 -23.14 -10.20
C ILE B 301 26.42 -24.15 -11.06
N VAL B 333 18.71 -31.68 -5.67
CA VAL B 333 18.21 -32.13 -4.38
C VAL B 333 17.73 -30.91 -3.61
N PRO B 334 16.75 -31.09 -2.73
CA PRO B 334 16.10 -29.94 -2.08
C PRO B 334 17.05 -29.08 -1.24
N PHE B 335 16.64 -27.82 -1.05
CA PHE B 335 17.43 -26.80 -0.37
C PHE B 335 16.80 -26.39 0.95
N THR B 336 17.59 -25.68 1.77
CA THR B 336 17.20 -25.15 3.06
C THR B 336 17.15 -23.63 2.98
N ASP B 337 17.37 -22.95 4.11
CA ASP B 337 17.62 -21.51 4.13
C ASP B 337 19.02 -21.15 4.61
N ASP B 338 19.72 -22.06 5.29
CA ASP B 338 21.15 -21.89 5.54
C ASP B 338 21.99 -22.34 4.36
N MET B 339 21.47 -23.27 3.56
CA MET B 339 22.04 -23.63 2.26
C MET B 339 20.88 -23.63 1.27
N PRO B 340 20.51 -22.44 0.74
CA PRO B 340 19.25 -22.30 -0.01
C PRO B 340 19.38 -22.63 -1.49
N PHE B 341 20.40 -23.40 -1.84
CA PHE B 341 20.69 -23.74 -3.22
C PHE B 341 20.11 -25.11 -3.55
N HIS B 342 19.48 -25.21 -4.72
CA HIS B 342 18.96 -26.49 -5.20
C HIS B 342 19.66 -26.91 -6.50
N PHE B 372 21.69 -24.11 -8.48
CA PHE B 372 20.50 -23.29 -8.72
C PHE B 372 20.18 -22.36 -7.53
N CYS B 373 20.30 -21.05 -7.74
CA CYS B 373 20.00 -20.07 -6.69
C CYS B 373 18.59 -19.52 -6.86
N ALA B 374 18.08 -18.90 -5.79
CA ALA B 374 16.80 -18.20 -5.81
C ALA B 374 17.05 -16.70 -5.95
N LYS B 375 16.27 -16.03 -6.80
CA LYS B 375 16.57 -14.65 -7.13
C LYS B 375 16.08 -13.69 -6.06
N ASP B 376 16.86 -12.63 -5.83
CA ASP B 376 16.39 -11.46 -5.08
C ASP B 376 15.31 -10.75 -5.91
N LEU B 377 14.07 -10.86 -5.48
CA LEU B 377 12.97 -10.38 -6.31
C LEU B 377 12.93 -8.86 -6.34
N GLN B 378 12.69 -8.32 -7.52
CA GLN B 378 12.70 -6.89 -7.73
C GLN B 378 11.53 -6.54 -8.63
N ALA B 379 10.84 -5.44 -8.31
CA ALA B 379 9.80 -4.91 -9.20
C ALA B 379 10.39 -4.38 -10.51
N SER B 380 11.66 -4.01 -10.51
CA SER B 380 12.25 -3.48 -11.74
C SER B 380 12.70 -4.59 -12.68
N ASP B 381 12.90 -5.80 -12.18
CA ASP B 381 13.10 -6.95 -13.07
C ASP B 381 11.77 -7.32 -13.72
N ARG B 382 11.72 -7.19 -15.03
CA ARG B 382 10.44 -7.17 -15.73
C ARG B 382 10.65 -7.54 -17.19
N VAL B 383 9.55 -7.84 -17.86
CA VAL B 383 9.51 -7.90 -19.31
C VAL B 383 8.55 -6.81 -19.78
N ALA B 384 9.07 -5.89 -20.58
CA ALA B 384 8.32 -4.76 -21.12
C ALA B 384 8.10 -4.97 -22.62
N PHE B 385 7.07 -4.31 -23.13
CA PHE B 385 6.48 -4.67 -24.43
C PHE B 385 6.41 -3.43 -25.28
N SER B 386 7.08 -3.49 -26.44
CA SER B 386 7.16 -2.33 -27.32
C SER B 386 5.84 -2.15 -28.06
N ASP B 387 5.27 -0.95 -27.95
CA ASP B 387 4.17 -0.55 -28.83
C ASP B 387 4.63 -0.29 -30.25
N SER B 388 5.92 -0.49 -30.55
CA SER B 388 6.49 -0.19 -31.85
C SER B 388 6.82 -1.45 -32.65
N ASP B 389 7.72 -2.28 -32.16
CA ASP B 389 8.22 -3.41 -32.93
C ASP B 389 7.41 -4.68 -32.66
N VAL B 390 7.70 -5.73 -33.43
CA VAL B 390 6.97 -6.99 -33.38
C VAL B 390 7.94 -8.15 -33.60
N ASP B 391 7.58 -9.30 -33.03
CA ASP B 391 8.42 -10.51 -33.07
C ASP B 391 8.01 -11.37 -34.26
N GLY B 392 8.38 -12.66 -34.23
CA GLY B 392 8.11 -13.53 -35.35
C GLY B 392 6.64 -13.73 -35.65
N TYR B 393 5.78 -13.53 -34.65
CA TYR B 393 4.35 -13.80 -34.75
C TYR B 393 3.52 -12.54 -34.94
N GLY B 394 4.13 -11.36 -35.02
CA GLY B 394 3.39 -10.12 -35.00
C GLY B 394 2.98 -9.66 -33.62
N MET B 395 3.43 -10.35 -32.58
CA MET B 395 3.15 -10.00 -31.20
C MET B 395 4.04 -8.82 -30.80
N PRO B 396 3.59 -7.96 -29.89
CA PRO B 396 4.43 -6.82 -29.47
C PRO B 396 5.77 -7.29 -28.94
N ALA B 397 6.85 -6.81 -29.56
CA ALA B 397 8.19 -7.25 -29.24
C ALA B 397 8.53 -6.96 -27.77
N MET B 398 9.37 -7.81 -27.19
CA MET B 398 9.69 -7.78 -25.77
C MET B 398 11.11 -7.30 -25.52
N GLN B 399 11.31 -6.74 -24.32
CA GLN B 399 12.61 -6.38 -23.79
C GLN B 399 12.66 -6.83 -22.34
N LEU B 400 13.77 -7.43 -21.94
CA LEU B 400 13.94 -7.89 -20.57
C LEU B 400 14.78 -6.87 -19.80
N HIS B 401 14.27 -6.40 -18.66
CA HIS B 401 15.02 -5.58 -17.73
C HIS B 401 15.37 -6.46 -16.54
N TYR B 402 16.65 -6.79 -16.38
CA TYR B 402 17.08 -7.76 -15.37
C TYR B 402 18.41 -7.30 -14.79
N THR B 403 18.43 -7.06 -13.49
CA THR B 403 19.65 -6.68 -12.79
C THR B 403 19.93 -7.69 -11.69
N LEU B 404 21.21 -7.90 -11.42
CA LEU B 404 21.64 -8.78 -10.34
C LEU B 404 21.92 -7.93 -9.11
N SER B 405 21.32 -8.31 -7.99
CA SER B 405 21.55 -7.56 -6.76
C SER B 405 22.87 -7.99 -6.12
N ASP B 406 23.30 -7.21 -5.14
CA ASP B 406 24.45 -7.60 -4.34
C ASP B 406 24.17 -8.88 -3.57
N ARG B 407 22.92 -9.08 -3.13
CA ARG B 407 22.54 -10.34 -2.53
C ARG B 407 22.63 -11.48 -3.54
N ASP B 408 22.22 -11.22 -4.79
CA ASP B 408 22.37 -12.22 -5.84
C ASP B 408 23.82 -12.65 -5.97
N HIS B 409 24.74 -11.68 -6.01
CA HIS B 409 26.14 -11.98 -6.23
C HIS B 409 26.75 -12.69 -5.02
N ALA B 410 26.39 -12.27 -3.81
CA ALA B 410 26.85 -12.97 -2.62
C ALA B 410 26.38 -14.42 -2.64
N THR B 411 25.12 -14.64 -3.01
CA THR B 411 24.58 -15.99 -3.04
C THR B 411 25.29 -16.84 -4.08
N ILE B 412 25.58 -16.27 -5.27
CA ILE B 412 26.17 -17.16 -6.28
C ILE B 412 27.65 -17.40 -6.01
N ASP B 413 28.37 -16.46 -5.38
CA ASP B 413 29.73 -16.75 -4.98
C ASP B 413 29.78 -17.79 -3.85
N ARG B 414 28.86 -17.68 -2.88
CA ARG B 414 28.76 -18.72 -1.86
C ARG B 414 28.40 -20.07 -2.46
N ALA B 415 27.60 -20.08 -3.53
CA ALA B 415 27.26 -21.34 -4.20
C ALA B 415 28.47 -21.94 -4.90
N LYS B 416 29.31 -21.08 -5.50
CA LYS B 416 30.58 -21.57 -6.03
C LYS B 416 31.40 -22.26 -4.94
N ALA B 417 31.57 -21.60 -3.80
CA ALA B 417 32.30 -22.20 -2.68
C ALA B 417 31.67 -23.53 -2.24
N GLU B 418 30.34 -23.56 -2.15
CA GLU B 418 29.65 -24.75 -1.64
C GLU B 418 29.76 -25.92 -2.61
N ILE B 419 29.64 -25.67 -3.92
CA ILE B 419 29.79 -26.75 -4.88
C ILE B 419 31.23 -27.23 -4.95
N VAL B 420 32.19 -26.31 -4.76
CA VAL B 420 33.59 -26.72 -4.67
C VAL B 420 33.79 -27.68 -3.49
N ARG B 421 33.18 -27.34 -2.34
CA ARG B 421 33.27 -28.24 -1.19
C ARG B 421 32.52 -29.55 -1.43
N LEU B 422 31.39 -29.48 -2.14
CA LEU B 422 30.53 -30.63 -2.36
C LEU B 422 31.08 -31.61 -3.39
N GLY B 423 31.97 -31.16 -4.27
CA GLY B 423 32.56 -32.05 -5.25
C GLY B 423 33.57 -33.03 -4.66
N LYS B 424 33.32 -33.51 -3.44
CA LYS B 424 34.24 -34.46 -2.81
C LYS B 424 34.25 -35.80 -3.55
N ALA B 425 33.12 -36.20 -4.13
CA ALA B 425 33.00 -37.47 -4.84
C ALA B 425 34.02 -37.61 -5.96
N LEU B 443 16.66 -21.53 -16.85
CA LEU B 443 15.83 -21.85 -18.01
C LEU B 443 14.35 -21.78 -17.66
N HIS B 444 14.04 -21.36 -16.44
CA HIS B 444 12.66 -21.29 -15.95
C HIS B 444 12.40 -19.89 -15.41
N TYR B 445 11.62 -19.11 -16.14
CA TYR B 445 11.25 -17.75 -15.73
C TYR B 445 9.93 -17.78 -14.96
N GLN B 446 9.92 -17.17 -13.79
CA GLN B 446 8.75 -17.06 -12.93
C GLN B 446 8.39 -15.58 -12.73
N GLY B 447 7.28 -15.34 -12.03
CA GLY B 447 6.98 -14.05 -11.44
C GLY B 447 6.12 -13.12 -12.26
N THR B 448 6.26 -13.13 -13.59
CA THR B 448 5.72 -12.06 -14.41
C THR B 448 4.21 -11.90 -14.29
N VAL B 449 3.49 -12.94 -13.88
CA VAL B 449 2.04 -12.83 -13.70
C VAL B 449 1.66 -13.37 -12.32
N ARG B 450 2.49 -13.03 -11.32
CA ARG B 450 2.35 -13.30 -9.89
C ARG B 450 0.93 -13.53 -9.38
N MET B 451 0.77 -14.46 -8.45
CA MET B 451 -0.40 -14.47 -7.60
C MET B 451 -0.03 -13.79 -6.29
N GLY B 452 -1.01 -13.15 -5.68
CA GLY B 452 -0.87 -12.62 -4.34
C GLY B 452 -2.22 -12.66 -3.68
N LEU B 453 -2.24 -12.32 -2.39
CA LEU B 453 -3.50 -12.49 -1.65
C LEU B 453 -4.49 -11.38 -1.98
N ALA B 454 -4.02 -10.18 -2.31
CA ALA B 454 -4.96 -9.11 -2.63
C ALA B 454 -4.38 -8.24 -3.73
N ASP B 455 -5.29 -7.51 -4.38
CA ASP B 455 -4.97 -6.52 -5.41
C ASP B 455 -4.25 -5.35 -4.77
N ASP B 456 -2.93 -5.44 -4.61
CA ASP B 456 -2.22 -4.43 -3.82
C ASP B 456 -0.98 -3.87 -4.54
N GLY B 457 -0.99 -3.86 -5.87
CA GLY B 457 0.15 -3.40 -6.64
C GLY B 457 1.26 -4.39 -6.85
N ALA B 458 1.26 -5.52 -6.14
CA ALA B 458 2.41 -6.43 -6.14
C ALA B 458 2.05 -7.80 -6.73
N SER B 459 0.91 -7.92 -7.41
CA SER B 459 0.53 -9.18 -8.01
C SER B 459 -0.35 -8.91 -9.21
N VAL B 460 -0.45 -9.90 -10.09
CA VAL B 460 -1.28 -9.78 -11.29
C VAL B 460 -2.60 -10.51 -11.08
N CYS B 461 -2.60 -11.53 -10.21
CA CYS B 461 -3.74 -12.42 -10.10
C CYS B 461 -3.99 -12.88 -8.66
N SER B 462 -5.20 -13.35 -8.43
CA SER B 462 -5.70 -13.81 -7.14
C SER B 462 -5.21 -15.22 -6.85
N PRO B 463 -5.51 -15.78 -5.68
CA PRO B 463 -5.21 -17.21 -5.45
C PRO B 463 -5.91 -18.15 -6.44
N ASP B 464 -7.11 -17.81 -6.92
CA ASP B 464 -7.78 -18.53 -8.01
C ASP B 464 -7.11 -18.32 -9.35
N SER B 465 -5.92 -17.73 -9.40
CA SER B 465 -5.22 -17.39 -10.64
C SER B 465 -5.99 -16.40 -11.50
N GLU B 466 -7.04 -15.77 -10.97
CA GLU B 466 -7.80 -14.81 -11.76
C GLU B 466 -7.12 -13.44 -11.72
N VAL B 467 -6.93 -12.83 -12.88
CA VAL B 467 -6.21 -11.56 -12.94
C VAL B 467 -7.06 -10.44 -12.37
N TRP B 468 -6.50 -9.71 -11.42
CA TRP B 468 -7.20 -8.60 -10.81
C TRP B 468 -7.70 -7.63 -11.88
N GLY B 469 -8.93 -7.16 -11.71
CA GLY B 469 -9.48 -6.19 -12.63
C GLY B 469 -9.94 -6.74 -13.96
N ALA B 470 -9.82 -8.05 -14.19
CA ALA B 470 -10.28 -8.68 -15.43
C ALA B 470 -10.98 -9.99 -15.09
N PRO B 471 -12.21 -9.90 -14.59
CA PRO B 471 -12.94 -11.12 -14.23
C PRO B 471 -13.18 -11.96 -15.48
N GLY B 472 -12.92 -13.26 -15.36
CA GLY B 472 -13.02 -14.16 -16.47
C GLY B 472 -11.68 -14.58 -17.06
N LEU B 473 -10.64 -13.76 -16.92
CA LEU B 473 -9.31 -14.06 -17.44
C LEU B 473 -8.48 -14.68 -16.33
N PHE B 474 -7.93 -15.88 -16.61
CA PHE B 474 -7.04 -16.59 -15.72
C PHE B 474 -5.68 -16.74 -16.38
N VAL B 475 -4.64 -16.83 -15.56
CA VAL B 475 -3.29 -17.08 -16.05
C VAL B 475 -2.78 -18.37 -15.42
N ALA B 476 -1.84 -19.01 -16.10
CA ALA B 476 -1.48 -20.39 -15.72
C ALA B 476 -0.05 -20.68 -16.14
N GLY B 477 0.78 -21.09 -15.19
CA GLY B 477 2.12 -21.49 -15.53
C GLY B 477 3.14 -20.94 -14.56
N ASN B 478 4.41 -20.99 -14.99
CA ASN B 478 5.51 -20.55 -14.14
C ASN B 478 5.41 -19.07 -13.79
N GLY B 479 4.86 -18.27 -14.70
CA GLY B 479 4.68 -16.85 -14.44
C GLY B 479 3.78 -16.53 -13.25
N VAL B 480 3.02 -17.52 -12.75
CA VAL B 480 2.09 -17.32 -11.63
C VAL B 480 2.74 -17.53 -10.27
N ILE B 481 3.95 -18.10 -10.23
CA ILE B 481 4.67 -18.34 -8.99
C ILE B 481 5.25 -17.02 -8.49
N PRO B 482 4.89 -16.61 -7.26
CA PRO B 482 5.26 -15.29 -6.75
C PRO B 482 6.50 -15.26 -5.89
N THR B 483 7.04 -16.40 -5.49
CA THR B 483 8.09 -16.42 -4.48
C THR B 483 9.47 -16.54 -5.13
N ALA B 484 10.49 -16.31 -4.30
CA ALA B 484 11.88 -16.58 -4.64
C ALA B 484 12.14 -18.06 -4.45
N THR B 485 12.19 -18.82 -5.55
CA THR B 485 12.36 -20.26 -5.49
C THR B 485 13.68 -20.69 -6.13
N ALA B 486 14.15 -21.87 -5.75
CA ALA B 486 15.34 -22.45 -6.34
C ALA B 486 15.09 -23.73 -7.11
N CYS B 487 13.89 -24.30 -7.02
CA CYS B 487 13.60 -25.61 -7.58
C CYS B 487 12.89 -25.49 -8.93
N ASN B 488 12.84 -26.62 -9.63
CA ASN B 488 12.15 -26.65 -10.92
C ASN B 488 10.66 -26.38 -10.72
N PRO B 489 10.09 -25.42 -11.44
CA PRO B 489 8.79 -24.86 -11.07
C PRO B 489 7.58 -25.48 -11.76
N THR B 490 7.79 -26.52 -12.58
CA THR B 490 6.68 -27.18 -13.24
C THR B 490 5.64 -27.66 -12.23
N LEU B 491 6.09 -28.33 -11.17
CA LEU B 491 5.18 -28.88 -10.17
C LEU B 491 4.32 -27.78 -9.56
N THR B 492 4.94 -26.72 -9.03
CA THR B 492 4.19 -25.62 -8.45
C THR B 492 3.16 -25.07 -9.44
N GLY B 493 3.58 -24.86 -10.68
CA GLY B 493 2.67 -24.33 -11.68
C GLY B 493 1.45 -25.21 -11.88
N VAL B 494 1.68 -26.52 -12.00
CA VAL B 494 0.57 -27.46 -12.14
C VAL B 494 -0.34 -27.38 -10.92
N ALA B 495 0.23 -27.27 -9.72
CA ALA B 495 -0.58 -27.19 -8.51
C ALA B 495 -1.49 -25.97 -8.53
N LEU B 496 -0.93 -24.79 -8.78
CA LEU B 496 -1.74 -23.58 -8.80
C LEU B 496 -2.77 -23.65 -9.93
N ALA B 497 -2.38 -24.27 -11.05
CA ALA B 497 -3.31 -24.47 -12.15
C ALA B 497 -4.48 -25.35 -11.71
N VAL B 498 -4.22 -26.35 -10.88
CA VAL B 498 -5.29 -27.21 -10.40
C VAL B 498 -6.28 -26.38 -9.57
N ARG B 499 -5.75 -25.54 -8.67
CA ARG B 499 -6.64 -24.68 -7.89
C ARG B 499 -7.47 -23.75 -8.79
N GLY B 500 -6.85 -23.19 -9.83
CA GLY B 500 -7.60 -22.33 -10.74
C GLY B 500 -8.69 -23.07 -11.50
N ALA B 501 -8.32 -24.24 -12.07
CA ALA B 501 -9.30 -25.08 -12.76
C ALA B 501 -10.44 -25.50 -11.83
N ARG B 502 -10.13 -25.75 -10.56
CA ARG B 502 -11.19 -26.10 -9.62
C ARG B 502 -12.15 -24.93 -9.44
N HIS B 503 -11.60 -23.71 -9.32
CA HIS B 503 -12.46 -22.54 -9.18
C HIS B 503 -13.35 -22.35 -10.40
N ILE B 504 -12.77 -22.49 -11.59
CA ILE B 504 -13.55 -22.36 -12.81
C ILE B 504 -14.63 -23.43 -12.88
N ALA B 505 -14.29 -24.66 -12.50
CA ALA B 505 -15.25 -25.76 -12.41
C ALA B 505 -16.43 -25.40 -11.51
N ASP B 506 -16.12 -25.03 -10.26
CA ASP B 506 -17.16 -24.62 -9.30
C ASP B 506 -18.04 -23.53 -9.88
N GLU B 507 -17.44 -22.53 -10.53
CA GLU B 507 -18.22 -21.44 -11.08
C GLU B 507 -19.13 -21.94 -12.19
N ILE B 508 -18.63 -22.86 -13.02
CA ILE B 508 -19.41 -23.34 -14.16
C ILE B 508 -20.63 -24.12 -13.68
N THR B 509 -20.46 -24.99 -12.68
CA THR B 509 -21.57 -25.86 -12.27
C THR B 509 -22.72 -25.08 -11.62
N ALA B 510 -22.46 -23.88 -11.09
CA ALA B 510 -23.54 -23.09 -10.50
C ALA B 510 -24.59 -22.70 -11.53
N ASP B 511 -24.24 -22.69 -12.82
CA ASP B 511 -25.14 -22.32 -13.90
C ASP B 511 -25.65 -20.89 -13.73
#